data_9LJ9
#
_entry.id   9LJ9
#
_cell.length_a   66.923
_cell.length_b   205.698
_cell.length_c   143.374
_cell.angle_alpha   90.000
_cell.angle_beta   90.000
_cell.angle_gamma   90.000
#
_symmetry.space_group_name_H-M   'C 2 2 21'
#
loop_
_entity.id
_entity.type
_entity.pdbx_description
1 polymer '3-hexulose-6-phosphate synthase'
2 non-polymer 'MAGNESIUM ION'
3 non-polymer 'SULFATE ION'
4 water water
#
_entity_poly.entity_id   1
_entity_poly.type   'polypeptide(L)'
_entity_poly.pdbx_seq_one_letter_code
;MILQVALDLTDIEQAISIAEKAARGGAHWLEVGTPLIKKEGMRAVELLKRRFPDRKIVADLKTMDTGALEVEMAARHGAD
VVSILGVADDKTIKDALAVARKYGVKIMVDLIGVKDKVQRAKELEQMGVHYILVHTGIDEQAQGKTPLEDLEKVVKAVKI
PVAVAGGLNLETIPKVIELGATIVIVGSAITKSKDPEGVTRKIIDLFWDEYMKTIRKAMKDITDHINEVADKLRLDEVRG
LVDAMIGANKIFIYGAGRSGLVGKAFAMRLMHLDFNVYVVGETITPAFEEGDLLIAISGSGETKTIVDAAEIAKQQGGKV
VAITSYKDSTLGRLADVVVEIPGRTKTDVPTDYIARQMLTKYKWTAPMGTLFEDSTMIFLDGIIALLMATFQKTEKDMRK
KHATLEPNSSSVDKLAAALEHHHHHH
;
_entity_poly.pdbx_strand_id   B,A
#
loop_
_chem_comp.id
_chem_comp.type
_chem_comp.name
_chem_comp.formula
MG non-polymer 'MAGNESIUM ION' 'Mg 2'
SO4 non-polymer 'SULFATE ION' 'O4 S -2'
#
# COMPACT_ATOMS: atom_id res chain seq x y z
N MET A 1 -17.99 -15.00 -12.10
CA MET A 1 -19.04 -15.99 -12.29
C MET A 1 -19.33 -16.19 -13.76
N ILE A 2 -19.98 -17.29 -14.08
CA ILE A 2 -20.28 -17.66 -15.47
C ILE A 2 -21.75 -18.02 -15.56
N LEU A 3 -22.43 -17.41 -16.52
CA LEU A 3 -23.83 -17.71 -16.82
C LEU A 3 -23.87 -18.59 -18.07
N GLN A 4 -24.40 -19.80 -17.92
CA GLN A 4 -24.53 -20.75 -19.01
C GLN A 4 -26.01 -20.90 -19.35
N VAL A 5 -26.36 -20.61 -20.60
CA VAL A 5 -27.75 -20.67 -21.05
C VAL A 5 -28.00 -22.03 -21.69
N ALA A 6 -28.87 -22.83 -21.05
CA ALA A 6 -29.19 -24.16 -21.55
C ALA A 6 -30.27 -24.05 -22.61
N LEU A 7 -29.93 -24.40 -23.84
CA LEU A 7 -30.87 -24.38 -24.96
C LEU A 7 -31.42 -25.81 -25.12
N ASP A 8 -32.40 -26.14 -24.27
CA ASP A 8 -33.00 -27.46 -24.24
C ASP A 8 -34.10 -27.63 -25.28
N LEU A 9 -34.35 -26.63 -26.12
CA LEU A 9 -35.40 -26.73 -27.12
C LEU A 9 -35.01 -27.70 -28.22
N THR A 10 -36.02 -28.26 -28.88
CA THR A 10 -35.80 -29.09 -30.06
C THR A 10 -35.84 -28.28 -31.35
N ASP A 11 -36.32 -27.04 -31.28
CA ASP A 11 -36.35 -26.15 -32.44
C ASP A 11 -34.98 -25.48 -32.57
N ILE A 12 -34.36 -25.63 -33.74
CA ILE A 12 -33.04 -25.06 -33.96
C ILE A 12 -33.13 -23.55 -34.13
N GLU A 13 -34.17 -23.07 -34.81
CA GLU A 13 -34.33 -21.63 -35.00
C GLU A 13 -34.71 -20.92 -33.71
N GLN A 14 -35.49 -21.58 -32.85
CA GLN A 14 -35.82 -20.99 -31.55
C GLN A 14 -34.60 -20.94 -30.64
N ALA A 15 -33.70 -21.93 -30.78
CA ALA A 15 -32.52 -21.96 -29.93
C ALA A 15 -31.55 -20.84 -30.29
N ILE A 16 -31.31 -20.62 -31.59
CA ILE A 16 -30.35 -19.59 -31.99
C ILE A 16 -30.93 -18.21 -31.71
N SER A 17 -32.25 -18.06 -31.82
CA SER A 17 -32.90 -16.80 -31.52
C SER A 17 -32.75 -16.44 -30.04
N ILE A 18 -32.78 -17.44 -29.17
CA ILE A 18 -32.64 -17.16 -27.74
C ILE A 18 -31.20 -16.80 -27.41
N ALA A 19 -30.24 -17.54 -28.00
CA ALA A 19 -28.84 -17.28 -27.69
C ALA A 19 -28.39 -15.90 -28.15
N GLU A 20 -28.99 -15.39 -29.22
CA GLU A 20 -28.60 -14.05 -29.69
C GLU A 20 -29.04 -12.97 -28.72
N LYS A 21 -30.24 -13.10 -28.14
CA LYS A 21 -30.67 -12.12 -27.16
C LYS A 21 -29.93 -12.29 -25.84
N ALA A 22 -29.68 -13.53 -25.43
CA ALA A 22 -28.94 -13.77 -24.21
C ALA A 22 -27.51 -13.26 -24.32
N ALA A 23 -26.92 -13.36 -25.51
CA ALA A 23 -25.55 -12.87 -25.69
C ALA A 23 -25.48 -11.36 -25.49
N ARG A 24 -26.49 -10.63 -25.99
CA ARG A 24 -26.53 -9.20 -25.76
C ARG A 24 -26.76 -8.87 -24.29
N GLY A 25 -27.42 -9.75 -23.55
CA GLY A 25 -27.65 -9.54 -22.13
C GLY A 25 -26.43 -9.79 -21.26
N GLY A 26 -25.39 -10.41 -21.81
CA GLY A 26 -24.17 -10.67 -21.08
C GLY A 26 -23.90 -12.12 -20.74
N ALA A 27 -24.62 -13.07 -21.33
CA ALA A 27 -24.39 -14.47 -21.06
C ALA A 27 -23.02 -14.90 -21.61
N HIS A 28 -22.34 -15.75 -20.85
CA HIS A 28 -20.98 -16.18 -21.20
C HIS A 28 -20.97 -17.44 -22.04
N TRP A 29 -21.67 -18.48 -21.57
CA TRP A 29 -21.65 -19.78 -22.23
C TRP A 29 -23.02 -20.11 -22.81
N LEU A 30 -23.00 -20.87 -23.91
CA LEU A 30 -24.20 -21.30 -24.59
C LEU A 30 -24.14 -22.82 -24.70
N GLU A 31 -25.14 -23.50 -24.16
CA GLU A 31 -25.17 -24.96 -24.13
C GLU A 31 -26.12 -25.48 -25.20
N VAL A 32 -25.60 -26.32 -26.07
CA VAL A 32 -26.42 -27.03 -27.05
C VAL A 32 -26.88 -28.33 -26.38
N GLY A 33 -28.15 -28.38 -26.02
CA GLY A 33 -28.66 -29.50 -25.25
C GLY A 33 -28.72 -30.80 -26.03
N THR A 34 -28.95 -31.89 -25.28
CA THR A 34 -29.13 -33.19 -25.91
C THR A 34 -30.34 -33.26 -26.83
N PRO A 35 -31.48 -32.63 -26.53
CA PRO A 35 -32.57 -32.60 -27.53
C PRO A 35 -32.19 -31.93 -28.83
N LEU A 36 -31.10 -31.17 -28.87
CA LEU A 36 -30.66 -30.54 -30.11
C LEU A 36 -29.60 -31.36 -30.84
N ILE A 37 -28.85 -32.21 -30.13
CA ILE A 37 -27.80 -33.02 -30.74
C ILE A 37 -28.30 -34.35 -31.31
N LYS A 38 -29.56 -34.70 -31.08
CA LYS A 38 -30.11 -35.94 -31.63
C LYS A 38 -30.81 -35.69 -32.96
N LYS A 39 -31.61 -34.63 -33.02
CA LYS A 39 -32.25 -34.21 -34.26
C LYS A 39 -31.21 -33.66 -35.24
N GLU A 40 -30.62 -32.52 -34.90
CA GLU A 40 -29.51 -32.00 -35.69
C GLU A 40 -28.24 -32.77 -35.36
N GLY A 41 -27.29 -32.74 -36.29
CA GLY A 41 -26.04 -33.44 -36.10
C GLY A 41 -25.13 -32.68 -35.17
N MET A 42 -23.85 -33.05 -35.19
CA MET A 42 -22.86 -32.30 -34.44
C MET A 42 -22.67 -30.89 -34.98
N ARG A 43 -23.17 -30.60 -36.18
CA ARG A 43 -23.11 -29.26 -36.72
C ARG A 43 -23.94 -28.27 -35.92
N ALA A 44 -24.84 -28.75 -35.05
CA ALA A 44 -25.59 -27.83 -34.19
C ALA A 44 -24.64 -27.02 -33.32
N VAL A 45 -23.56 -27.64 -32.85
CA VAL A 45 -22.58 -26.87 -32.08
C VAL A 45 -21.75 -26.00 -33.01
N GLU A 46 -21.59 -26.41 -34.27
CA GLU A 46 -20.82 -25.59 -35.21
C GLU A 46 -21.59 -24.38 -35.68
N LEU A 47 -22.92 -24.50 -35.79
CA LEU A 47 -23.74 -23.34 -36.17
C LEU A 47 -23.71 -22.29 -35.06
N LEU A 48 -23.78 -22.73 -33.80
CA LEU A 48 -23.70 -21.78 -32.70
C LEU A 48 -22.31 -21.17 -32.60
N LYS A 49 -21.26 -21.96 -32.89
CA LYS A 49 -19.91 -21.46 -32.72
C LYS A 49 -19.56 -20.44 -33.79
N ARG A 50 -19.87 -20.75 -35.05
CA ARG A 50 -19.58 -19.79 -36.11
C ARG A 50 -20.44 -18.54 -36.00
N ARG A 51 -21.56 -18.61 -35.30
CA ARG A 51 -22.38 -17.44 -35.05
C ARG A 51 -21.90 -16.67 -33.83
N PHE A 52 -21.44 -17.37 -32.79
CA PHE A 52 -20.95 -16.75 -31.57
C PHE A 52 -19.52 -17.21 -31.29
N PRO A 53 -18.54 -16.69 -32.06
CA PRO A 53 -17.14 -17.00 -31.74
C PRO A 53 -16.66 -16.36 -30.45
N ASP A 54 -17.33 -15.29 -30.02
CA ASP A 54 -16.95 -14.62 -28.78
C ASP A 54 -17.38 -15.37 -27.54
N ARG A 55 -18.28 -16.33 -27.68
CA ARG A 55 -18.80 -17.12 -26.56
C ARG A 55 -18.21 -18.52 -26.57
N LYS A 56 -18.23 -19.15 -25.39
CA LYS A 56 -17.85 -20.56 -25.29
C LYS A 56 -19.09 -21.42 -25.42
N ILE A 57 -19.04 -22.41 -26.29
CA ILE A 57 -20.15 -23.30 -26.58
C ILE A 57 -19.94 -24.60 -25.83
N VAL A 58 -20.96 -25.01 -25.07
CA VAL A 58 -20.93 -26.24 -24.28
C VAL A 58 -21.74 -27.30 -25.02
N ALA A 59 -21.11 -28.43 -25.31
CA ALA A 59 -21.77 -29.54 -25.98
C ALA A 59 -22.30 -30.52 -24.93
N ASP A 60 -23.63 -30.60 -24.83
CA ASP A 60 -24.29 -31.51 -23.89
C ASP A 60 -24.27 -32.91 -24.47
N LEU A 61 -23.36 -33.75 -23.96
CA LEU A 61 -23.29 -35.16 -24.36
C LEU A 61 -23.56 -36.06 -23.16
N LYS A 62 -24.55 -35.71 -22.34
CA LYS A 62 -24.87 -36.47 -21.14
C LYS A 62 -25.82 -37.62 -21.49
N THR A 63 -25.33 -38.53 -22.32
CA THR A 63 -26.03 -39.76 -22.63
C THR A 63 -25.03 -40.90 -22.57
N MET A 64 -25.55 -42.14 -22.56
CA MET A 64 -24.69 -43.30 -22.34
C MET A 64 -23.99 -43.82 -23.60
N ASP A 65 -24.41 -43.41 -24.79
CA ASP A 65 -23.70 -43.83 -26.00
C ASP A 65 -22.40 -43.06 -26.20
N THR A 66 -22.11 -42.10 -25.32
CA THR A 66 -20.98 -41.20 -25.50
C THR A 66 -19.67 -41.88 -25.16
N GLY A 67 -18.73 -41.88 -26.10
CA GLY A 67 -17.39 -42.37 -25.86
C GLY A 67 -16.36 -41.31 -26.16
N ALA A 68 -15.09 -41.72 -26.28
CA ALA A 68 -14.04 -40.76 -26.60
C ALA A 68 -14.24 -40.18 -28.00
N LEU A 69 -14.87 -40.92 -28.90
CA LEU A 69 -15.07 -40.45 -30.26
C LEU A 69 -16.07 -39.29 -30.32
N GLU A 70 -17.18 -39.41 -29.59
CA GLU A 70 -18.17 -38.33 -29.61
C GLU A 70 -17.63 -37.04 -29.00
N VAL A 71 -16.75 -37.16 -28.00
CA VAL A 71 -16.13 -35.97 -27.43
C VAL A 71 -15.22 -35.30 -28.45
N GLU A 72 -14.47 -36.07 -29.22
CA GLU A 72 -13.63 -35.48 -30.26
C GLU A 72 -14.47 -34.90 -31.38
N MET A 73 -15.64 -35.50 -31.67
CA MET A 73 -16.52 -34.94 -32.68
C MET A 73 -17.05 -33.57 -32.27
N ALA A 74 -17.21 -33.33 -30.98
CA ALA A 74 -17.65 -32.02 -30.50
C ALA A 74 -16.54 -30.98 -30.68
N ALA A 75 -15.31 -31.34 -30.30
CA ALA A 75 -14.21 -30.40 -30.39
C ALA A 75 -13.94 -29.99 -31.84
N ARG A 76 -14.01 -30.93 -32.78
CA ARG A 76 -13.78 -30.58 -34.16
C ARG A 76 -14.88 -29.73 -34.75
N HIS A 77 -16.06 -29.71 -34.13
CA HIS A 77 -17.16 -28.85 -34.58
C HIS A 77 -17.22 -27.54 -33.81
N GLY A 78 -16.27 -27.28 -32.92
CA GLY A 78 -16.18 -26.01 -32.25
C GLY A 78 -16.69 -25.95 -30.83
N ALA A 79 -16.82 -27.08 -30.16
CA ALA A 79 -17.26 -27.08 -28.77
C ALA A 79 -16.08 -26.72 -27.88
N ASP A 80 -16.27 -25.69 -27.06
CA ASP A 80 -15.23 -25.28 -26.11
C ASP A 80 -15.31 -26.07 -24.81
N VAL A 81 -16.49 -26.54 -24.46
CA VAL A 81 -16.70 -27.37 -23.27
C VAL A 81 -17.56 -28.55 -23.66
N VAL A 82 -17.25 -29.72 -23.11
CA VAL A 82 -18.01 -30.94 -23.34
C VAL A 82 -18.44 -31.49 -21.99
N SER A 83 -19.73 -31.82 -21.87
CA SER A 83 -20.33 -32.33 -20.63
C SER A 83 -20.64 -33.82 -20.77
N ILE A 84 -20.20 -34.61 -19.80
CA ILE A 84 -20.45 -36.04 -19.76
C ILE A 84 -20.96 -36.42 -18.36
N LEU A 85 -21.26 -37.71 -18.20
CA LEU A 85 -21.81 -38.24 -16.97
C LEU A 85 -20.73 -38.84 -16.08
N GLY A 86 -20.97 -38.76 -14.76
CA GLY A 86 -20.05 -39.37 -13.80
C GLY A 86 -20.27 -40.85 -13.59
N VAL A 87 -21.45 -41.36 -13.98
CA VAL A 87 -21.72 -42.80 -13.85
C VAL A 87 -21.05 -43.60 -14.94
N ALA A 88 -20.36 -42.95 -15.88
CA ALA A 88 -19.66 -43.65 -16.93
C ALA A 88 -18.37 -44.27 -16.38
N ASP A 89 -17.78 -45.16 -17.17
CA ASP A 89 -16.55 -45.82 -16.78
C ASP A 89 -15.42 -44.80 -16.65
N ASP A 90 -14.50 -45.08 -15.73
CA ASP A 90 -13.33 -44.22 -15.59
C ASP A 90 -12.49 -44.24 -16.85
N LYS A 91 -12.50 -45.37 -17.57
CA LYS A 91 -11.74 -45.48 -18.82
C LYS A 91 -12.23 -44.45 -19.84
N THR A 92 -13.55 -44.26 -19.95
CA THR A 92 -14.08 -43.32 -20.91
C THR A 92 -13.78 -41.88 -20.50
N ILE A 93 -13.66 -41.62 -19.21
CA ILE A 93 -13.39 -40.26 -18.73
C ILE A 93 -11.97 -39.85 -19.08
N LYS A 94 -10.99 -40.72 -18.79
CA LYS A 94 -9.60 -40.38 -19.13
C LYS A 94 -9.38 -40.36 -20.64
N ASP A 95 -10.11 -41.21 -21.38
CA ASP A 95 -10.04 -41.13 -22.84
C ASP A 95 -10.61 -39.82 -23.35
N ALA A 96 -11.69 -39.34 -22.72
CA ALA A 96 -12.21 -38.01 -23.06
C ALA A 96 -11.28 -36.91 -22.58
N LEU A 97 -10.55 -37.15 -21.49
CA LEU A 97 -9.61 -36.16 -20.98
C LEU A 97 -8.41 -36.01 -21.92
N ALA A 98 -7.91 -37.12 -22.46
CA ALA A 98 -6.79 -37.05 -23.40
C ALA A 98 -7.20 -36.37 -24.69
N VAL A 99 -8.41 -36.67 -25.18
CA VAL A 99 -8.91 -35.99 -26.38
C VAL A 99 -9.04 -34.50 -26.12
N ALA A 100 -9.51 -34.12 -24.93
CA ALA A 100 -9.64 -32.71 -24.59
C ALA A 100 -8.28 -32.02 -24.57
N ARG A 101 -7.24 -32.72 -24.12
CA ARG A 101 -5.93 -32.10 -24.08
C ARG A 101 -5.37 -31.87 -25.48
N LYS A 102 -5.72 -32.73 -26.44
CA LYS A 102 -5.25 -32.54 -27.81
C LYS A 102 -5.89 -31.32 -28.48
N TYR A 103 -7.03 -30.86 -27.97
CA TYR A 103 -7.75 -29.74 -28.57
C TYR A 103 -7.90 -28.53 -27.67
N GLY A 104 -7.40 -28.58 -26.43
CA GLY A 104 -7.60 -27.47 -25.52
C GLY A 104 -9.04 -27.23 -25.15
N VAL A 105 -9.78 -28.29 -24.85
CA VAL A 105 -11.21 -28.24 -24.58
C VAL A 105 -11.44 -28.67 -23.14
N LYS A 106 -12.38 -28.01 -22.46
CA LYS A 106 -12.69 -28.34 -21.09
C LYS A 106 -13.66 -29.53 -21.01
N ILE A 107 -13.69 -30.16 -19.85
CA ILE A 107 -14.52 -31.34 -19.61
C ILE A 107 -15.38 -31.07 -18.37
N MET A 108 -16.69 -31.20 -18.53
CA MET A 108 -17.63 -31.12 -17.42
C MET A 108 -18.22 -32.49 -17.14
N VAL A 109 -18.38 -32.82 -15.86
CA VAL A 109 -18.88 -34.15 -15.49
C VAL A 109 -20.04 -33.99 -14.51
N ASP A 110 -21.18 -34.57 -14.86
CA ASP A 110 -22.39 -34.50 -14.05
C ASP A 110 -22.44 -35.65 -13.04
N LEU A 111 -23.11 -35.40 -11.92
CA LEU A 111 -23.30 -36.37 -10.85
C LEU A 111 -24.77 -36.69 -10.64
N ILE A 112 -25.55 -36.77 -11.72
CA ILE A 112 -26.99 -36.90 -11.60
C ILE A 112 -27.38 -38.26 -11.03
N GLY A 113 -26.60 -39.31 -11.32
CA GLY A 113 -26.97 -40.63 -10.86
C GLY A 113 -25.94 -41.27 -9.95
N VAL A 114 -25.05 -40.46 -9.40
CA VAL A 114 -23.97 -40.98 -8.56
C VAL A 114 -24.49 -41.21 -7.15
N LYS A 115 -24.18 -42.38 -6.58
CA LYS A 115 -24.57 -42.73 -5.23
C LYS A 115 -23.97 -41.74 -4.22
N ASP A 116 -22.65 -41.81 -4.03
CA ASP A 116 -21.93 -40.89 -3.15
C ASP A 116 -21.29 -39.83 -4.03
N LYS A 117 -22.00 -38.72 -4.21
CA LYS A 117 -21.51 -37.64 -5.06
C LYS A 117 -20.27 -36.98 -4.49
N VAL A 118 -20.16 -36.91 -3.16
CA VAL A 118 -19.03 -36.26 -2.52
C VAL A 118 -17.74 -37.01 -2.83
N GLN A 119 -17.73 -38.32 -2.53
CA GLN A 119 -16.54 -39.13 -2.74
C GLN A 119 -16.13 -39.12 -4.22
N ARG A 120 -17.09 -39.28 -5.12
CA ARG A 120 -16.82 -39.34 -6.55
C ARG A 120 -16.15 -38.06 -7.06
N ALA A 121 -16.49 -36.90 -6.47
CA ALA A 121 -15.97 -35.63 -6.96
C ALA A 121 -14.46 -35.51 -6.79
N LYS A 122 -13.92 -36.00 -5.66
CA LYS A 122 -12.49 -35.85 -5.38
C LYS A 122 -11.64 -36.56 -6.42
N GLU A 123 -11.96 -37.82 -6.74
CA GLU A 123 -11.16 -38.56 -7.70
C GLU A 123 -11.26 -37.98 -9.11
N LEU A 124 -12.38 -37.32 -9.42
CA LEU A 124 -12.50 -36.65 -10.71
C LEU A 124 -11.49 -35.52 -10.83
N GLU A 125 -11.25 -34.79 -9.73
CA GLU A 125 -10.23 -33.74 -9.74
C GLU A 125 -8.83 -34.31 -9.96
N GLN A 126 -8.60 -35.55 -9.57
CA GLN A 126 -7.27 -36.14 -9.70
C GLN A 126 -6.91 -36.39 -11.15
N MET A 127 -7.85 -36.90 -11.95
CA MET A 127 -7.57 -37.17 -13.35
C MET A 127 -7.48 -35.92 -14.21
N GLY A 128 -7.91 -34.78 -13.70
CA GLY A 128 -7.89 -33.54 -14.44
C GLY A 128 -9.21 -33.03 -14.96
N VAL A 129 -10.34 -33.47 -14.40
CA VAL A 129 -11.62 -32.92 -14.79
C VAL A 129 -11.66 -31.43 -14.45
N HIS A 130 -12.17 -30.63 -15.39
CA HIS A 130 -12.12 -29.18 -15.24
C HIS A 130 -13.29 -28.67 -14.39
N TYR A 131 -14.50 -29.15 -14.63
CA TYR A 131 -15.69 -28.68 -13.92
C TYR A 131 -16.54 -29.85 -13.43
N ILE A 132 -17.26 -29.63 -12.34
CA ILE A 132 -18.17 -30.61 -11.78
C ILE A 132 -19.58 -30.03 -11.86
N LEU A 133 -20.51 -30.81 -12.42
CA LEU A 133 -21.89 -30.38 -12.57
C LEU A 133 -22.77 -31.11 -11.57
N VAL A 134 -23.50 -30.34 -10.76
CA VAL A 134 -24.45 -30.86 -9.79
C VAL A 134 -25.79 -30.19 -10.00
N HIS A 135 -26.83 -30.80 -9.46
CA HIS A 135 -28.19 -30.31 -9.61
C HIS A 135 -28.72 -29.79 -8.28
N THR A 136 -29.59 -28.78 -8.36
CA THR A 136 -30.08 -28.13 -7.14
C THR A 136 -31.07 -29.02 -6.40
N GLY A 137 -31.94 -29.72 -7.14
CA GLY A 137 -32.99 -30.50 -6.52
C GLY A 137 -34.29 -29.78 -6.30
N ILE A 138 -34.43 -28.56 -6.84
CA ILE A 138 -35.69 -27.82 -6.71
C ILE A 138 -36.78 -28.53 -7.51
N THR A 146 -33.88 -32.22 0.12
CA THR A 146 -33.18 -31.08 0.71
C THR A 146 -32.45 -30.34 -0.38
N PRO A 147 -33.10 -29.39 -1.05
CA PRO A 147 -32.44 -28.65 -2.13
C PRO A 147 -31.20 -27.94 -1.63
N LEU A 148 -30.22 -27.82 -2.52
CA LEU A 148 -28.92 -27.17 -2.30
C LEU A 148 -28.05 -27.93 -1.30
N GLU A 149 -28.50 -29.06 -0.77
CA GLU A 149 -27.64 -29.84 0.12
C GLU A 149 -26.45 -30.41 -0.64
N ASP A 150 -26.70 -30.91 -1.85
CA ASP A 150 -25.62 -31.44 -2.68
C ASP A 150 -24.56 -30.36 -2.96
N LEU A 151 -25.00 -29.15 -3.28
CA LEU A 151 -24.08 -28.07 -3.58
C LEU A 151 -23.19 -27.75 -2.39
N GLU A 152 -23.66 -28.00 -1.16
CA GLU A 152 -22.83 -27.73 0.00
C GLU A 152 -21.58 -28.60 0.00
N LYS A 153 -21.78 -29.93 -0.05
CA LYS A 153 -20.70 -30.87 0.22
C LYS A 153 -19.71 -30.96 -0.95
N VAL A 154 -20.21 -30.99 -2.19
CA VAL A 154 -19.33 -31.12 -3.34
C VAL A 154 -18.42 -29.91 -3.47
N VAL A 155 -18.95 -28.72 -3.18
CA VAL A 155 -18.12 -27.52 -3.24
C VAL A 155 -17.05 -27.54 -2.15
N LYS A 156 -17.44 -27.91 -0.93
CA LYS A 156 -16.48 -27.94 0.17
C LYS A 156 -15.50 -29.10 0.08
N ALA A 157 -15.61 -29.94 -0.94
CA ALA A 157 -14.76 -31.11 -1.09
C ALA A 157 -13.71 -30.96 -2.18
N VAL A 158 -13.96 -30.16 -3.20
CA VAL A 158 -13.07 -30.06 -4.35
C VAL A 158 -12.65 -28.60 -4.52
N LYS A 159 -11.60 -28.40 -5.31
CA LYS A 159 -11.06 -27.07 -5.57
C LYS A 159 -11.41 -26.52 -6.94
N ILE A 160 -11.71 -27.38 -7.92
CA ILE A 160 -12.03 -26.93 -9.28
C ILE A 160 -13.43 -26.31 -9.28
N PRO A 161 -13.77 -25.49 -10.28
CA PRO A 161 -15.09 -24.86 -10.29
C PRO A 161 -16.22 -25.89 -10.36
N VAL A 162 -17.32 -25.57 -9.69
CA VAL A 162 -18.49 -26.43 -9.64
C VAL A 162 -19.64 -25.72 -10.33
N ALA A 163 -20.24 -26.39 -11.30
CA ALA A 163 -21.40 -25.87 -12.01
C ALA A 163 -22.67 -26.42 -11.36
N VAL A 164 -23.71 -25.58 -11.29
CA VAL A 164 -24.98 -25.96 -10.70
C VAL A 164 -26.09 -25.68 -11.70
N ALA A 165 -27.18 -26.45 -11.57
CA ALA A 165 -28.36 -26.26 -12.45
C ALA A 165 -29.60 -26.82 -11.77
N GLY A 166 -30.78 -26.31 -12.14
CA GLY A 166 -32.04 -26.86 -11.60
C GLY A 166 -32.95 -25.79 -11.03
N GLY A 167 -33.86 -25.26 -11.83
CA GLY A 167 -34.85 -24.30 -11.31
C GLY A 167 -34.21 -22.99 -10.87
N LEU A 168 -33.23 -22.52 -11.62
CA LEU A 168 -32.50 -21.28 -11.22
C LEU A 168 -33.21 -20.06 -11.81
N ASN A 169 -33.71 -19.20 -10.95
CA ASN A 169 -34.41 -17.97 -11.41
C ASN A 169 -33.86 -16.79 -10.61
N LEU A 170 -34.36 -15.59 -10.89
CA LEU A 170 -33.92 -14.45 -10.10
C LEU A 170 -34.16 -14.66 -8.62
N GLU A 171 -34.97 -15.65 -8.25
CA GLU A 171 -35.30 -15.97 -6.86
C GLU A 171 -34.29 -16.92 -6.23
N THR A 172 -33.83 -17.93 -6.98
CA THR A 172 -32.95 -18.95 -6.42
C THR A 172 -31.48 -18.75 -6.77
N ILE A 173 -31.16 -17.90 -7.77
CA ILE A 173 -29.76 -17.70 -8.13
C ILE A 173 -28.94 -17.10 -7.01
N PRO A 174 -29.41 -16.09 -6.25
CA PRO A 174 -28.59 -15.59 -5.14
C PRO A 174 -28.19 -16.66 -4.14
N LYS A 175 -28.98 -17.72 -4.01
CA LYS A 175 -28.66 -18.76 -3.03
C LYS A 175 -27.47 -19.58 -3.48
N VAL A 176 -27.49 -20.06 -4.73
CA VAL A 176 -26.40 -20.93 -5.22
C VAL A 176 -25.09 -20.16 -5.28
N ILE A 177 -25.14 -18.84 -5.45
CA ILE A 177 -23.91 -18.05 -5.42
C ILE A 177 -23.31 -18.02 -4.02
N GLU A 178 -24.16 -17.92 -2.99
CA GLU A 178 -23.67 -17.88 -1.62
C GLU A 178 -22.96 -19.18 -1.24
N LEU A 179 -23.32 -20.29 -1.86
CA LEU A 179 -22.72 -21.58 -1.52
C LEU A 179 -21.46 -21.88 -2.34
N GLY A 180 -21.02 -20.97 -3.19
CA GLY A 180 -19.77 -21.13 -3.89
C GLY A 180 -19.85 -21.70 -5.29
N ALA A 181 -21.02 -21.68 -5.92
CA ALA A 181 -21.13 -22.16 -7.29
C ALA A 181 -20.46 -21.18 -8.24
N THR A 182 -19.69 -21.71 -9.19
CA THR A 182 -18.98 -20.87 -10.13
C THR A 182 -19.76 -20.68 -11.42
N ILE A 183 -20.32 -21.76 -11.96
CA ILE A 183 -21.06 -21.74 -13.21
C ILE A 183 -22.53 -21.91 -12.88
N VAL A 184 -23.35 -20.96 -13.32
CA VAL A 184 -24.79 -20.98 -13.09
C VAL A 184 -25.46 -21.29 -14.43
N ILE A 185 -26.15 -22.43 -14.49
CA ILE A 185 -26.82 -22.90 -15.69
C ILE A 185 -28.31 -22.60 -15.54
N VAL A 186 -28.84 -21.70 -16.35
CA VAL A 186 -30.25 -21.34 -16.28
C VAL A 186 -30.88 -21.62 -17.63
N GLY A 187 -32.08 -22.21 -17.62
CA GLY A 187 -32.79 -22.53 -18.84
C GLY A 187 -34.09 -21.77 -19.05
N SER A 188 -35.20 -22.36 -18.58
CA SER A 188 -36.52 -21.81 -18.85
C SER A 188 -36.72 -20.41 -18.27
N ALA A 189 -35.96 -20.04 -17.22
CA ALA A 189 -36.10 -18.71 -16.66
C ALA A 189 -35.72 -17.63 -17.67
N ILE A 190 -34.83 -17.94 -18.62
CA ILE A 190 -34.48 -17.02 -19.72
C ILE A 190 -35.25 -17.38 -20.98
N THR A 191 -35.24 -18.66 -21.35
CA THR A 191 -35.75 -19.08 -22.65
C THR A 191 -37.27 -18.90 -22.75
N LYS A 192 -37.97 -18.98 -21.62
CA LYS A 192 -39.42 -18.86 -21.61
C LYS A 192 -39.86 -17.55 -20.96
N SER A 193 -39.23 -16.44 -21.32
CA SER A 193 -39.57 -15.14 -20.80
C SER A 193 -39.89 -14.18 -21.94
N LYS A 194 -40.60 -13.09 -21.60
CA LYS A 194 -40.96 -12.10 -22.59
C LYS A 194 -39.75 -11.34 -23.12
N ASP A 195 -38.73 -11.15 -22.27
CA ASP A 195 -37.50 -10.46 -22.63
C ASP A 195 -36.33 -11.27 -22.10
N PRO A 196 -35.86 -12.27 -22.86
CA PRO A 196 -34.73 -13.08 -22.38
C PRO A 196 -33.46 -12.27 -22.19
N GLU A 197 -33.28 -11.19 -22.95
CA GLU A 197 -32.12 -10.33 -22.76
C GLU A 197 -32.24 -9.54 -21.47
N GLY A 198 -33.43 -9.05 -21.15
CA GLY A 198 -33.63 -8.32 -19.92
C GLY A 198 -33.42 -9.17 -18.69
N VAL A 199 -33.87 -10.42 -18.73
CA VAL A 199 -33.67 -11.33 -17.61
C VAL A 199 -32.19 -11.63 -17.43
N THR A 200 -31.46 -11.75 -18.54
CA THR A 200 -30.01 -12.01 -18.46
C THR A 200 -29.28 -10.87 -17.77
N ARG A 201 -29.67 -9.62 -18.03
CA ARG A 201 -29.02 -8.49 -17.38
C ARG A 201 -29.25 -8.50 -15.88
N LYS A 202 -30.44 -8.94 -15.44
CA LYS A 202 -30.68 -9.01 -14.01
C LYS A 202 -29.81 -10.08 -13.36
N ILE A 203 -29.52 -11.17 -14.07
CA ILE A 203 -28.63 -12.19 -13.53
C ILE A 203 -27.21 -11.67 -13.44
N ILE A 204 -26.75 -10.95 -14.47
CA ILE A 204 -25.40 -10.37 -14.40
C ILE A 204 -25.34 -9.30 -13.31
N ASP A 205 -26.43 -8.55 -13.10
CA ASP A 205 -26.46 -7.60 -11.99
C ASP A 205 -26.30 -8.30 -10.65
N LEU A 206 -26.87 -9.50 -10.52
CA LEU A 206 -26.65 -10.30 -9.32
C LEU A 206 -25.18 -10.69 -9.20
N PHE A 207 -24.53 -10.98 -10.34
CA PHE A 207 -23.11 -11.31 -10.30
C PHE A 207 -22.29 -10.13 -9.80
N TRP A 208 -22.64 -8.92 -10.22
CA TRP A 208 -21.88 -7.76 -9.79
C TRP A 208 -22.20 -7.36 -8.36
N ASP A 209 -23.32 -7.81 -7.81
CA ASP A 209 -23.54 -7.65 -6.38
C ASP A 209 -22.53 -8.48 -5.60
N GLU A 210 -22.18 -9.66 -6.13
CA GLU A 210 -21.15 -10.47 -5.49
C GLU A 210 -19.75 -9.92 -5.75
N TYR A 211 -19.51 -9.39 -6.95
CA TYR A 211 -18.19 -8.86 -7.26
C TYR A 211 -17.84 -7.69 -6.37
N MET A 212 -18.81 -6.79 -6.13
CA MET A 212 -18.55 -5.66 -5.25
C MET A 212 -18.24 -6.13 -3.83
N LYS A 213 -18.88 -7.21 -3.37
CA LYS A 213 -18.53 -7.76 -2.07
C LYS A 213 -17.13 -8.34 -2.08
N THR A 214 -16.72 -8.95 -3.20
CA THR A 214 -15.40 -9.57 -3.27
C THR A 214 -14.30 -8.53 -3.19
N ILE A 215 -14.43 -7.43 -3.92
CA ILE A 215 -13.39 -6.41 -3.92
C ILE A 215 -13.34 -5.67 -2.58
N ARG A 216 -14.50 -5.37 -1.99
CA ARG A 216 -14.51 -4.72 -0.69
C ARG A 216 -13.90 -5.62 0.38
N LYS A 217 -14.26 -6.90 0.36
CA LYS A 217 -13.69 -7.86 1.30
C LYS A 217 -12.19 -8.04 1.06
N ALA A 218 -11.75 -8.01 -0.20
CA ALA A 218 -10.32 -8.12 -0.48
C ALA A 218 -9.57 -6.91 0.08
N MET A 219 -10.15 -5.71 -0.04
CA MET A 219 -9.50 -4.51 0.46
C MET A 219 -9.39 -4.54 1.98
N LYS A 220 -10.49 -4.91 2.66
CA LYS A 220 -10.45 -4.91 4.11
C LYS A 220 -9.63 -6.07 4.67
N ASP A 221 -9.52 -7.17 3.93
CA ASP A 221 -8.62 -8.24 4.36
C ASP A 221 -7.17 -7.78 4.35
N ILE A 222 -6.79 -6.93 3.40
CA ILE A 222 -5.43 -6.40 3.40
C ILE A 222 -5.24 -5.43 4.56
N THR A 223 -6.19 -4.51 4.74
CA THR A 223 -6.04 -3.50 5.79
C THR A 223 -6.08 -4.14 7.18
N ASP A 224 -6.81 -5.24 7.36
CA ASP A 224 -6.78 -5.92 8.65
C ASP A 224 -5.40 -6.51 8.92
N HIS A 225 -4.77 -7.05 7.89
CA HIS A 225 -3.44 -7.60 8.08
C HIS A 225 -2.44 -6.50 8.41
N ILE A 226 -2.60 -5.32 7.80
CA ILE A 226 -1.66 -4.23 8.04
C ILE A 226 -1.82 -3.67 9.46
N ASN A 227 -3.05 -3.62 9.97
CA ASN A 227 -3.26 -3.21 11.36
C ASN A 227 -2.58 -4.16 12.32
N GLU A 228 -2.59 -5.46 12.03
CA GLU A 228 -1.87 -6.43 12.86
C GLU A 228 -0.37 -6.20 12.81
N VAL A 229 0.17 -5.90 11.63
CA VAL A 229 1.60 -5.60 11.53
C VAL A 229 1.95 -4.39 12.36
N ALA A 230 1.12 -3.34 12.30
CA ALA A 230 1.38 -2.13 13.07
C ALA A 230 1.36 -2.41 14.56
N ASP A 231 0.36 -3.17 15.02
CA ASP A 231 0.24 -3.48 16.43
C ASP A 231 1.40 -4.33 16.93
N LYS A 232 2.06 -5.07 16.05
CA LYS A 232 3.09 -6.02 16.48
C LYS A 232 4.50 -5.54 16.15
N LEU A 233 4.66 -4.32 15.65
CA LEU A 233 5.98 -3.78 15.40
C LEU A 233 6.77 -3.69 16.70
N ARG A 234 8.07 -3.96 16.61
CA ARG A 234 8.96 -3.98 17.76
C ARG A 234 9.91 -2.78 17.73
N LEU A 235 10.26 -2.32 18.93
CA LEU A 235 11.16 -1.18 19.05
C LEU A 235 12.51 -1.45 18.39
N ASP A 236 13.03 -2.66 18.56
CA ASP A 236 14.32 -2.99 17.96
C ASP A 236 14.29 -2.83 16.45
N GLU A 237 13.20 -3.24 15.82
CA GLU A 237 13.10 -3.14 14.37
C GLU A 237 13.01 -1.69 13.92
N VAL A 238 12.04 -0.95 14.48
CA VAL A 238 11.81 0.41 14.02
C VAL A 238 13.02 1.28 14.33
N ARG A 239 13.52 1.23 15.56
CA ARG A 239 14.67 2.05 15.90
C ARG A 239 15.92 1.59 15.17
N GLY A 240 16.06 0.28 14.96
CA GLY A 240 17.19 -0.23 14.22
C GLY A 240 17.25 0.28 12.79
N LEU A 241 16.08 0.42 12.16
CA LEU A 241 16.07 0.99 10.81
C LEU A 241 16.35 2.49 10.85
N VAL A 242 15.69 3.21 11.76
CA VAL A 242 15.80 4.67 11.77
C VAL A 242 17.23 5.09 12.14
N ASP A 243 17.80 4.48 13.18
CA ASP A 243 19.17 4.84 13.56
C ASP A 243 20.16 4.50 12.44
N ALA A 244 19.92 3.41 11.72
CA ALA A 244 20.80 3.07 10.61
C ALA A 244 20.65 4.08 9.48
N MET A 245 19.44 4.58 9.22
CA MET A 245 19.27 5.56 8.15
C MET A 245 19.95 6.88 8.51
N ILE A 246 19.83 7.32 9.75
CA ILE A 246 20.36 8.61 10.15
C ILE A 246 21.89 8.58 10.19
N GLY A 247 22.46 7.46 10.62
CA GLY A 247 23.90 7.34 10.72
C GLY A 247 24.61 6.90 9.45
N ALA A 248 23.91 6.82 8.33
CA ALA A 248 24.49 6.34 7.09
C ALA A 248 24.97 7.50 6.21
N ASN A 249 26.02 7.24 5.46
CA ASN A 249 26.47 8.18 4.44
C ASN A 249 25.47 8.20 3.30
N LYS A 250 25.50 7.18 2.46
CA LYS A 250 24.51 6.98 1.41
C LYS A 250 23.55 5.87 1.80
N ILE A 251 22.32 5.96 1.32
CA ILE A 251 21.30 4.94 1.56
C ILE A 251 20.96 4.32 0.21
N PHE A 252 21.09 3.00 0.12
CA PHE A 252 20.72 2.24 -1.06
C PHE A 252 19.51 1.36 -0.74
N ILE A 253 18.53 1.35 -1.64
CA ILE A 253 17.32 0.55 -1.49
C ILE A 253 17.25 -0.43 -2.64
N TYR A 254 16.96 -1.70 -2.34
CA TYR A 254 16.96 -2.75 -3.36
C TYR A 254 15.87 -3.74 -3.01
N GLY A 255 14.86 -3.83 -3.87
CA GLY A 255 13.81 -4.80 -3.71
C GLY A 255 13.63 -5.62 -4.97
N ALA A 256 13.02 -6.79 -4.80
CA ALA A 256 12.83 -7.76 -5.86
C ALA A 256 11.39 -7.69 -6.38
N GLY A 257 11.23 -7.47 -7.67
CA GLY A 257 9.91 -7.48 -8.28
C GLY A 257 9.03 -6.37 -7.73
N ARG A 258 7.84 -6.76 -7.28
CA ARG A 258 6.91 -5.78 -6.73
C ARG A 258 7.45 -5.13 -5.46
N SER A 259 8.28 -5.86 -4.70
CA SER A 259 8.98 -5.25 -3.57
C SER A 259 9.88 -4.11 -4.02
N GLY A 260 10.46 -4.19 -5.22
CA GLY A 260 11.29 -3.11 -5.73
C GLY A 260 10.52 -1.84 -6.01
N LEU A 261 9.26 -1.96 -6.45
CA LEU A 261 8.43 -0.77 -6.63
C LEU A 261 8.10 -0.13 -5.29
N VAL A 262 7.85 -0.95 -4.26
CA VAL A 262 7.65 -0.43 -2.91
C VAL A 262 8.91 0.28 -2.44
N GLY A 263 10.08 -0.30 -2.71
CA GLY A 263 11.31 0.35 -2.30
C GLY A 263 11.52 1.68 -3.00
N LYS A 264 11.18 1.76 -4.28
CA LYS A 264 11.29 3.02 -5.01
C LYS A 264 10.31 4.06 -4.47
N ALA A 265 9.09 3.62 -4.11
CA ALA A 265 8.13 4.57 -3.56
C ALA A 265 8.61 5.14 -2.23
N PHE A 266 9.29 4.32 -1.44
CA PHE A 266 9.87 4.81 -0.19
C PHE A 266 11.05 5.74 -0.46
N ALA A 267 11.92 5.37 -1.40
CA ALA A 267 13.08 6.20 -1.71
C ALA A 267 12.65 7.58 -2.20
N MET A 268 11.58 7.63 -3.02
CA MET A 268 11.09 8.91 -3.52
C MET A 268 10.74 9.85 -2.38
N ARG A 269 10.13 9.32 -1.31
CA ARG A 269 9.79 10.15 -0.16
C ARG A 269 11.04 10.55 0.64
N LEU A 270 11.98 9.61 0.81
CA LEU A 270 13.22 9.93 1.55
C LEU A 270 14.00 11.05 0.88
N MET A 271 13.95 11.12 -0.44
CA MET A 271 14.63 12.20 -1.14
C MET A 271 14.09 13.56 -0.72
N HIS A 272 12.77 13.65 -0.48
CA HIS A 272 12.19 14.92 -0.07
C HIS A 272 12.69 15.37 1.30
N LEU A 273 13.12 14.43 2.14
CA LEU A 273 13.63 14.75 3.45
C LEU A 273 15.14 14.99 3.44
N ASP A 274 15.72 15.25 2.27
CA ASP A 274 17.14 15.57 2.11
C ASP A 274 18.05 14.42 2.58
N PHE A 275 17.60 13.19 2.42
CA PHE A 275 18.50 12.06 2.60
C PHE A 275 19.29 11.83 1.32
N ASN A 276 20.53 11.38 1.49
CA ASN A 276 21.35 10.98 0.35
C ASN A 276 21.02 9.53 0.00
N VAL A 277 19.92 9.37 -0.74
CA VAL A 277 19.30 8.07 -0.97
C VAL A 277 19.35 7.73 -2.46
N TYR A 278 19.56 6.46 -2.77
CA TYR A 278 19.62 5.98 -4.14
C TYR A 278 18.90 4.65 -4.26
N VAL A 279 18.49 4.35 -5.49
CA VAL A 279 17.80 3.11 -5.82
C VAL A 279 18.76 2.24 -6.62
N VAL A 280 18.99 1.01 -6.16
CA VAL A 280 19.85 0.08 -6.87
C VAL A 280 19.20 -0.28 -8.20
N GLY A 281 19.97 -0.25 -9.28
CA GLY A 281 19.49 -0.62 -10.58
C GLY A 281 19.14 0.53 -11.50
N GLU A 282 19.11 1.76 -10.99
CA GLU A 282 18.82 2.93 -11.82
C GLU A 282 20.11 3.62 -12.22
N THR A 283 19.98 4.63 -13.09
CA THR A 283 21.14 5.16 -13.79
C THR A 283 22.14 5.83 -12.85
N ILE A 284 21.66 6.55 -11.84
CA ILE A 284 22.53 7.43 -11.05
C ILE A 284 23.07 6.74 -9.81
N THR A 285 22.72 5.48 -9.56
CA THR A 285 23.20 4.74 -8.41
C THR A 285 24.73 4.72 -8.35
N PRO A 286 25.35 5.32 -7.32
CA PRO A 286 26.82 5.31 -7.23
C PRO A 286 27.37 4.08 -6.55
N ALA A 287 28.67 4.04 -6.35
CA ALA A 287 29.31 2.86 -5.78
C ALA A 287 29.05 2.80 -4.28
N PHE A 288 28.79 1.59 -3.78
CA PHE A 288 28.56 1.37 -2.36
C PHE A 288 29.89 1.41 -1.63
N GLU A 289 30.01 2.31 -0.66
CA GLU A 289 31.25 2.52 0.07
C GLU A 289 31.05 2.25 1.55
N GLU A 290 32.15 2.37 2.29
CA GLU A 290 32.15 2.18 3.73
C GLU A 290 31.27 3.22 4.41
N GLY A 291 30.43 2.78 5.34
CA GLY A 291 29.48 3.65 6.01
C GLY A 291 28.17 3.83 5.29
N ASP A 292 27.98 3.22 4.13
CA ASP A 292 26.69 3.29 3.46
C ASP A 292 25.76 2.22 4.04
N LEU A 293 24.47 2.39 3.79
CA LEU A 293 23.44 1.48 4.26
C LEU A 293 22.69 0.89 3.08
N LEU A 294 22.48 -0.43 3.11
CA LEU A 294 21.63 -1.11 2.13
C LEU A 294 20.35 -1.57 2.82
N ILE A 295 19.22 -1.06 2.36
CA ILE A 295 17.91 -1.54 2.79
C ILE A 295 17.47 -2.60 1.78
N ALA A 296 17.53 -3.86 2.19
CA ALA A 296 17.25 -4.99 1.31
C ALA A 296 15.84 -5.51 1.58
N ILE A 297 14.99 -5.51 0.55
CA ILE A 297 13.59 -5.90 0.70
C ILE A 297 13.35 -7.21 -0.05
N SER A 298 12.96 -8.24 0.70
CA SER A 298 12.70 -9.55 0.11
C SER A 298 11.77 -10.33 1.02
N GLY A 299 10.57 -10.66 0.52
CA GLY A 299 9.61 -11.35 1.36
C GLY A 299 10.14 -12.67 1.87
N SER A 300 10.71 -13.48 0.98
CA SER A 300 11.24 -14.79 1.37
C SER A 300 12.59 -14.72 2.04
N GLY A 301 13.35 -13.65 1.82
CA GLY A 301 14.71 -13.58 2.33
C GLY A 301 15.68 -14.49 1.61
N GLU A 302 15.33 -14.96 0.41
CA GLU A 302 16.18 -15.85 -0.35
C GLU A 302 16.38 -15.41 -1.80
N THR A 303 15.83 -14.26 -2.20
CA THR A 303 15.99 -13.79 -3.57
C THR A 303 17.48 -13.60 -3.89
N LYS A 304 17.92 -14.24 -4.97
CA LYS A 304 19.36 -14.34 -5.21
C LYS A 304 20.00 -12.97 -5.40
N THR A 305 19.39 -12.10 -6.20
CA THR A 305 20.01 -10.79 -6.46
C THR A 305 20.06 -9.94 -5.19
N ILE A 306 19.01 -10.01 -4.37
CA ILE A 306 19.00 -9.25 -3.12
C ILE A 306 20.06 -9.77 -2.16
N VAL A 307 20.22 -11.09 -2.07
CA VAL A 307 21.23 -11.67 -1.20
C VAL A 307 22.63 -11.31 -1.69
N ASP A 308 22.84 -11.32 -3.00
CA ASP A 308 24.15 -10.97 -3.54
C ASP A 308 24.49 -9.52 -3.25
N ALA A 309 23.50 -8.63 -3.29
CA ALA A 309 23.76 -7.22 -2.99
C ALA A 309 24.06 -7.02 -1.51
N ALA A 310 23.37 -7.76 -0.63
CA ALA A 310 23.65 -7.63 0.80
C ALA A 310 25.04 -8.16 1.14
N GLU A 311 25.47 -9.24 0.48
CA GLU A 311 26.79 -9.79 0.74
C GLU A 311 27.88 -8.82 0.31
N ILE A 312 27.68 -8.12 -0.81
CA ILE A 312 28.66 -7.12 -1.25
C ILE A 312 28.71 -5.96 -0.26
N ALA A 313 27.55 -5.53 0.25
CA ALA A 313 27.51 -4.39 1.16
C ALA A 313 28.25 -4.70 2.46
N LYS A 314 28.15 -5.94 2.95
CA LYS A 314 28.88 -6.29 4.16
C LYS A 314 30.38 -6.29 3.90
N GLN A 315 30.81 -6.83 2.76
CA GLN A 315 32.22 -6.85 2.43
C GLN A 315 32.80 -5.44 2.29
N GLN A 316 31.99 -4.48 1.88
CA GLN A 316 32.45 -3.10 1.74
C GLN A 316 32.45 -2.34 3.05
N GLY A 317 32.13 -3.00 4.16
CA GLY A 317 32.10 -2.32 5.45
C GLY A 317 30.86 -1.47 5.65
N GLY A 318 29.70 -1.92 5.15
CA GLY A 318 28.46 -1.19 5.30
C GLY A 318 27.46 -1.98 6.14
N LYS A 319 26.36 -1.31 6.47
CA LYS A 319 25.28 -1.94 7.22
C LYS A 319 24.17 -2.37 6.27
N VAL A 320 23.44 -3.41 6.69
CA VAL A 320 22.34 -3.96 5.92
C VAL A 320 21.14 -4.09 6.83
N VAL A 321 20.01 -3.53 6.40
CA VAL A 321 18.71 -3.72 7.05
C VAL A 321 17.86 -4.55 6.11
N ALA A 322 17.38 -5.70 6.58
CA ALA A 322 16.58 -6.62 5.78
C ALA A 322 15.13 -6.50 6.20
N ILE A 323 14.26 -6.21 5.24
CA ILE A 323 12.82 -6.28 5.41
C ILE A 323 12.35 -7.60 4.81
N THR A 324 11.90 -8.52 5.65
CA THR A 324 11.60 -9.86 5.19
C THR A 324 10.53 -10.47 6.10
N SER A 325 9.91 -11.54 5.62
CA SER A 325 8.99 -12.31 6.45
C SER A 325 9.69 -13.40 7.23
N TYR A 326 10.94 -13.72 6.90
CA TYR A 326 11.66 -14.83 7.52
C TYR A 326 12.98 -14.31 8.09
N LYS A 327 13.00 -14.08 9.39
CA LYS A 327 14.18 -13.50 10.02
C LYS A 327 15.38 -14.43 9.94
N ASP A 328 15.16 -15.74 9.91
CA ASP A 328 16.25 -16.71 9.86
C ASP A 328 16.64 -17.08 8.44
N SER A 329 16.19 -16.32 7.45
CA SER A 329 16.55 -16.58 6.06
C SER A 329 18.02 -16.21 5.82
N THR A 330 18.48 -16.48 4.60
CA THR A 330 19.85 -16.12 4.23
C THR A 330 20.06 -14.62 4.33
N LEU A 331 19.09 -13.85 3.86
CA LEU A 331 19.17 -12.40 3.97
C LEU A 331 19.09 -11.94 5.42
N GLY A 332 18.23 -12.59 6.21
CA GLY A 332 18.12 -12.20 7.61
C GLY A 332 19.40 -12.40 8.39
N ARG A 333 20.09 -13.52 8.15
CA ARG A 333 21.34 -13.77 8.87
C ARG A 333 22.44 -12.78 8.50
N LEU A 334 22.38 -12.19 7.30
CA LEU A 334 23.38 -11.20 6.91
C LEU A 334 23.12 -9.84 7.53
N ALA A 335 21.86 -9.52 7.82
CA ALA A 335 21.50 -8.15 8.15
C ALA A 335 21.94 -7.77 9.56
N ASP A 336 22.22 -6.48 9.74
CA ASP A 336 22.45 -5.95 11.08
C ASP A 336 21.14 -5.69 11.81
N VAL A 337 20.08 -5.37 11.07
CA VAL A 337 18.74 -5.19 11.61
C VAL A 337 17.77 -5.94 10.72
N VAL A 338 16.87 -6.72 11.33
CA VAL A 338 15.86 -7.47 10.60
C VAL A 338 14.49 -6.94 11.02
N VAL A 339 13.76 -6.39 10.06
CA VAL A 339 12.37 -5.97 10.24
C VAL A 339 11.51 -7.10 9.69
N GLU A 340 10.85 -7.83 10.58
CA GLU A 340 10.04 -8.98 10.19
C GLU A 340 8.62 -8.52 9.87
N ILE A 341 8.25 -8.55 8.59
CA ILE A 341 6.90 -8.24 8.14
C ILE A 341 6.21 -9.56 7.80
N PRO A 342 5.14 -9.97 8.52
CA PRO A 342 4.42 -11.17 8.12
C PRO A 342 3.78 -11.05 6.75
N GLY A 343 3.57 -12.18 6.09
CA GLY A 343 2.94 -12.19 4.76
C GLY A 343 1.66 -12.99 4.81
N ARG A 344 1.33 -13.53 5.98
CA ARG A 344 0.05 -14.26 6.15
C ARG A 344 -0.31 -14.27 7.64
N THR A 365 -7.47 -14.17 1.04
CA THR A 365 -7.87 -13.55 -0.22
C THR A 365 -6.66 -13.23 -1.09
N ALA A 366 -5.71 -12.50 -0.51
CA ALA A 366 -4.48 -12.03 -1.17
C ALA A 366 -3.33 -13.00 -0.89
N PRO A 367 -2.45 -13.21 -1.87
CA PRO A 367 -1.31 -14.12 -1.66
C PRO A 367 -0.39 -13.60 -0.57
N MET A 368 0.56 -14.46 -0.17
CA MET A 368 1.52 -14.06 0.86
C MET A 368 2.37 -12.89 0.40
N GLY A 369 2.72 -12.86 -0.89
CA GLY A 369 3.52 -11.76 -1.40
C GLY A 369 2.77 -10.44 -1.41
N THR A 370 1.49 -10.45 -1.80
CA THR A 370 0.72 -9.21 -1.84
C THR A 370 0.60 -8.60 -0.44
N LEU A 371 0.34 -9.45 0.57
CA LEU A 371 0.27 -8.95 1.93
C LEU A 371 1.61 -8.39 2.39
N PHE A 372 2.71 -9.05 2.00
CA PHE A 372 4.02 -8.55 2.39
C PHE A 372 4.32 -7.20 1.72
N GLU A 373 4.06 -7.11 0.42
CA GLU A 373 4.37 -5.88 -0.30
C GLU A 373 3.53 -4.71 0.20
N ASP A 374 2.22 -4.93 0.40
CA ASP A 374 1.35 -3.83 0.83
C ASP A 374 1.62 -3.44 2.28
N SER A 375 1.91 -4.43 3.15
CA SER A 375 2.25 -4.10 4.53
C SER A 375 3.55 -3.30 4.59
N THR A 376 4.55 -3.70 3.82
CA THR A 376 5.79 -2.93 3.76
C THR A 376 5.51 -1.52 3.25
N MET A 377 4.62 -1.42 2.26
CA MET A 377 4.28 -0.13 1.68
C MET A 377 3.79 0.85 2.75
N ILE A 378 2.82 0.43 3.56
CA ILE A 378 2.27 1.36 4.54
C ILE A 378 3.17 1.49 5.77
N PHE A 379 3.94 0.46 6.10
CA PHE A 379 4.92 0.60 7.16
C PHE A 379 5.95 1.66 6.81
N LEU A 380 6.48 1.63 5.59
CA LEU A 380 7.47 2.62 5.20
C LEU A 380 6.87 4.02 5.12
N ASP A 381 5.56 4.13 4.89
CA ASP A 381 4.90 5.42 4.96
C ASP A 381 4.73 5.87 6.40
N GLY A 382 4.58 4.94 7.33
CA GLY A 382 4.64 5.30 8.74
C GLY A 382 6.02 5.79 9.13
N ILE A 383 7.08 5.17 8.58
CA ILE A 383 8.44 5.62 8.85
C ILE A 383 8.61 7.07 8.40
N ILE A 384 8.10 7.40 7.20
CA ILE A 384 8.23 8.77 6.70
C ILE A 384 7.52 9.74 7.65
N ALA A 385 6.31 9.41 8.09
CA ALA A 385 5.58 10.30 9.00
C ALA A 385 6.35 10.51 10.28
N LEU A 386 7.06 9.48 10.74
CA LEU A 386 7.87 9.61 11.94
C LEU A 386 9.02 10.59 11.70
N LEU A 387 9.71 10.45 10.58
CA LEU A 387 10.84 11.32 10.28
C LEU A 387 10.38 12.78 10.12
N MET A 388 9.18 13.00 9.53
CA MET A 388 8.61 14.34 9.41
C MET A 388 8.11 14.89 10.73
N ALA A 389 8.36 14.27 11.88
CA ALA A 389 7.90 14.82 13.15
C ALA A 389 9.08 14.95 14.13
N MET B 1 11.96 14.70 18.26
CA MET B 1 12.18 15.52 19.44
C MET B 1 13.67 15.74 19.68
N ILE B 2 13.98 16.74 20.52
CA ILE B 2 15.36 17.20 20.72
C ILE B 2 15.64 17.17 22.21
N LEU B 3 16.78 16.57 22.60
CA LEU B 3 17.22 16.59 23.99
C LEU B 3 18.34 17.60 24.16
N GLN B 4 18.11 18.62 24.98
CA GLN B 4 19.06 19.70 25.25
C GLN B 4 19.54 19.60 26.70
N VAL B 5 20.84 19.45 26.87
CA VAL B 5 21.45 19.32 28.19
C VAL B 5 21.95 20.68 28.65
N ALA B 6 21.36 21.19 29.72
CA ALA B 6 21.74 22.50 30.27
C ALA B 6 22.95 22.35 31.17
N LEU B 7 24.08 22.93 30.77
CA LEU B 7 25.30 22.89 31.56
C LEU B 7 25.41 24.18 32.36
N ASP B 8 24.67 24.24 33.47
CA ASP B 8 24.63 25.42 34.32
C ASP B 8 25.80 25.50 35.29
N LEU B 9 26.76 24.58 35.20
CA LEU B 9 27.90 24.58 36.09
C LEU B 9 28.81 25.78 35.78
N THR B 10 29.57 26.21 36.78
CA THR B 10 30.58 27.24 36.59
C THR B 10 31.95 26.66 36.28
N ASP B 11 32.15 25.37 36.49
CA ASP B 11 33.41 24.71 36.16
C ASP B 11 33.41 24.32 34.68
N ILE B 12 34.38 24.82 33.93
CA ILE B 12 34.42 24.52 32.50
C ILE B 12 34.91 23.09 32.28
N GLU B 13 35.87 22.64 33.08
CA GLU B 13 36.38 21.28 32.91
C GLU B 13 35.35 20.24 33.31
N GLN B 14 34.52 20.53 34.31
CA GLN B 14 33.43 19.64 34.68
C GLN B 14 32.33 19.64 33.63
N ALA B 15 32.12 20.77 32.94
CA ALA B 15 31.05 20.84 31.96
C ALA B 15 31.35 19.97 30.76
N ILE B 16 32.58 20.01 30.26
CA ILE B 16 32.92 19.21 29.10
C ILE B 16 32.99 17.74 29.46
N SER B 17 33.43 17.41 30.68
CA SER B 17 33.47 16.02 31.10
C SER B 17 32.07 15.42 31.16
N ILE B 18 31.10 16.21 31.62
CA ILE B 18 29.73 15.72 31.71
C ILE B 18 29.08 15.73 30.33
N ALA B 19 29.37 16.74 29.51
CA ALA B 19 28.80 16.81 28.17
C ALA B 19 29.28 15.64 27.31
N GLU B 20 30.48 15.14 27.57
CA GLU B 20 30.98 13.99 26.82
C GLU B 20 30.18 12.74 27.13
N LYS B 21 29.79 12.56 28.40
CA LYS B 21 28.98 11.40 28.76
C LYS B 21 27.56 11.54 28.22
N ALA B 22 26.99 12.74 28.28
CA ALA B 22 25.66 12.93 27.73
C ALA B 22 25.65 12.75 26.22
N ALA B 23 26.74 13.12 25.54
CA ALA B 23 26.79 12.96 24.09
C ALA B 23 26.79 11.49 23.71
N ARG B 24 27.54 10.65 24.45
CA ARG B 24 27.51 9.22 24.19
C ARG B 24 26.14 8.61 24.46
N GLY B 25 25.38 9.20 25.38
CA GLY B 25 24.05 8.70 25.64
C GLY B 25 23.04 9.05 24.57
N GLY B 26 23.37 9.95 23.66
CA GLY B 26 22.49 10.34 22.59
C GLY B 26 21.92 11.74 22.66
N ALA B 27 22.46 12.60 23.52
CA ALA B 27 21.96 13.97 23.60
C ALA B 27 22.25 14.72 22.32
N HIS B 28 21.32 15.60 21.92
CA HIS B 28 21.45 16.31 20.66
C HIS B 28 22.12 17.68 20.84
N TRP B 29 21.62 18.49 21.76
CA TRP B 29 22.12 19.85 21.98
C TRP B 29 22.79 19.97 23.34
N LEU B 30 23.77 20.85 23.42
CA LEU B 30 24.48 21.15 24.66
C LEU B 30 24.44 22.65 24.92
N GLU B 31 23.91 23.04 26.07
CA GLU B 31 23.72 24.45 26.40
C GLU B 31 24.79 24.91 27.38
N VAL B 32 25.54 25.94 27.00
CA VAL B 32 26.51 26.59 27.88
C VAL B 32 25.79 27.69 28.65
N GLY B 33 25.53 27.44 29.93
CA GLY B 33 24.69 28.32 30.72
C GLY B 33 25.31 29.68 31.00
N THR B 34 24.46 30.58 31.49
CA THR B 34 24.92 31.91 31.86
C THR B 34 25.96 31.91 32.99
N PRO B 35 25.87 31.07 34.03
CA PRO B 35 26.97 31.02 35.00
C PRO B 35 28.29 30.60 34.39
N LEU B 36 28.27 30.02 33.19
CA LEU B 36 29.51 29.66 32.52
C LEU B 36 29.99 30.74 31.57
N ILE B 37 29.09 31.57 31.03
CA ILE B 37 29.53 32.64 30.13
C ILE B 37 29.93 33.90 30.86
N LYS B 38 29.71 33.98 32.18
CA LYS B 38 30.18 35.12 32.97
C LYS B 38 31.49 34.84 33.70
N LYS B 39 31.61 33.69 34.34
CA LYS B 39 32.91 33.30 34.90
C LYS B 39 33.86 33.01 33.73
N GLU B 40 33.59 31.96 32.95
CA GLU B 40 34.33 31.78 31.73
C GLU B 40 33.81 32.76 30.69
N GLY B 41 34.66 33.07 29.70
CA GLY B 41 34.27 33.99 28.64
C GLY B 41 33.42 33.34 27.58
N MET B 42 33.34 34.02 26.44
CA MET B 42 32.71 33.44 25.25
C MET B 42 33.47 32.24 24.70
N ARG B 43 34.72 32.03 25.14
CA ARG B 43 35.47 30.85 24.72
C ARG B 43 34.85 29.56 25.26
N ALA B 44 33.97 29.67 26.26
CA ALA B 44 33.27 28.48 26.72
C ALA B 44 32.44 27.88 25.59
N VAL B 45 31.89 28.72 24.72
CA VAL B 45 31.13 28.20 23.58
C VAL B 45 32.03 27.62 22.51
N GLU B 46 33.24 28.16 22.35
CA GLU B 46 34.13 27.62 21.32
C GLU B 46 34.81 26.33 21.77
N LEU B 47 35.08 26.18 23.06
CA LEU B 47 35.66 24.94 23.55
C LEU B 47 34.69 23.78 23.39
N LEU B 48 33.40 24.02 23.64
CA LEU B 48 32.39 22.97 23.47
C LEU B 48 32.19 22.65 22.00
N LYS B 49 32.27 23.65 21.11
CA LYS B 49 31.98 23.42 19.70
C LYS B 49 33.07 22.60 19.04
N ARG B 50 34.34 22.94 19.29
CA ARG B 50 35.44 22.19 18.70
C ARG B 50 35.57 20.79 19.30
N ARG B 51 34.97 20.55 20.48
CA ARG B 51 34.97 19.21 21.07
C ARG B 51 33.83 18.36 20.53
N PHE B 52 32.67 18.95 20.27
CA PHE B 52 31.50 18.25 19.74
C PHE B 52 31.06 18.93 18.45
N PRO B 53 31.75 18.71 17.33
CA PRO B 53 31.32 19.33 16.07
C PRO B 53 30.00 18.76 15.54
N ASP B 54 29.72 17.48 15.79
CA ASP B 54 28.45 16.91 15.34
C ASP B 54 27.27 17.30 16.22
N ARG B 55 27.53 17.93 17.37
CA ARG B 55 26.47 18.38 18.26
C ARG B 55 26.24 19.87 18.04
N LYS B 56 25.03 20.31 18.33
CA LYS B 56 24.69 21.73 18.26
C LYS B 56 24.88 22.34 19.63
N ILE B 57 25.61 23.46 19.69
CA ILE B 57 25.94 24.13 20.95
C ILE B 57 25.00 25.31 21.13
N VAL B 58 24.33 25.37 22.27
CA VAL B 58 23.39 26.44 22.59
C VAL B 58 24.06 27.41 23.56
N ALA B 59 24.14 28.68 23.17
CA ALA B 59 24.74 29.71 24.01
C ALA B 59 23.64 30.40 24.80
N ASP B 60 23.64 30.18 26.11
CA ASP B 60 22.64 30.77 27.01
C ASP B 60 23.01 32.22 27.27
N LEU B 61 22.33 33.14 26.59
CA LEU B 61 22.48 34.59 26.81
C LEU B 61 21.18 35.18 27.32
N LYS B 62 20.52 34.47 28.23
CA LYS B 62 19.22 34.90 28.74
C LYS B 62 19.37 35.87 29.92
N THR B 63 19.95 37.03 29.60
CA THR B 63 20.02 38.17 30.52
C THR B 63 19.65 39.42 29.73
N MET B 64 19.35 40.51 30.44
CA MET B 64 18.87 41.70 29.76
C MET B 64 19.99 42.59 29.24
N ASP B 65 21.23 42.39 29.66
CA ASP B 65 22.31 43.15 29.06
C ASP B 65 22.66 42.68 27.65
N THR B 66 22.01 41.62 27.16
CA THR B 66 22.39 41.04 25.88
C THR B 66 21.87 41.90 24.73
N GLY B 67 22.77 42.27 23.84
CA GLY B 67 22.40 43.00 22.64
C GLY B 67 22.87 42.30 21.39
N ALA B 68 22.87 43.01 20.25
CA ALA B 68 23.34 42.42 19.01
C ALA B 68 24.83 42.06 19.08
N LEU B 69 25.58 42.76 19.94
CA LEU B 69 27.01 42.48 20.05
C LEU B 69 27.26 41.14 20.71
N GLU B 70 26.55 40.85 21.81
CA GLU B 70 26.72 39.57 22.47
C GLU B 70 26.18 38.42 21.63
N VAL B 71 25.09 38.65 20.89
CA VAL B 71 24.55 37.61 20.02
C VAL B 71 25.52 37.31 18.88
N GLU B 72 26.12 38.35 18.30
CA GLU B 72 27.08 38.13 17.23
C GLU B 72 28.34 37.45 17.75
N MET B 73 28.73 37.72 18.99
CA MET B 73 29.90 37.07 19.56
C MET B 73 29.69 35.57 19.72
N ALA B 74 28.45 35.14 19.96
CA ALA B 74 28.17 33.72 20.11
C ALA B 74 28.32 32.99 18.77
N ALA B 75 27.77 33.56 17.71
CA ALA B 75 27.87 32.92 16.41
C ALA B 75 29.32 32.84 15.96
N ARG B 76 30.10 33.90 16.22
CA ARG B 76 31.50 33.92 15.84
C ARG B 76 32.35 32.98 16.69
N HIS B 77 31.85 32.58 17.86
CA HIS B 77 32.52 31.59 18.71
C HIS B 77 31.99 30.19 18.50
N GLY B 78 31.06 29.98 17.57
CA GLY B 78 30.60 28.65 17.25
C GLY B 78 29.28 28.23 17.86
N ALA B 79 28.45 29.17 18.30
CA ALA B 79 27.14 28.84 18.83
C ALA B 79 26.16 28.62 17.69
N ASP B 80 25.51 27.45 17.69
CA ASP B 80 24.53 27.14 16.67
C ASP B 80 23.13 27.66 16.99
N VAL B 81 22.82 27.81 18.27
CA VAL B 81 21.56 28.37 18.74
C VAL B 81 21.86 29.36 19.85
N VAL B 82 21.15 30.48 19.87
CA VAL B 82 21.29 31.50 20.90
C VAL B 82 19.94 31.74 21.53
N SER B 83 19.88 31.68 22.86
CA SER B 83 18.64 31.86 23.60
C SER B 83 18.64 33.23 24.29
N ILE B 84 17.56 33.98 24.10
CA ILE B 84 17.40 35.33 24.65
C ILE B 84 16.02 35.41 25.31
N LEU B 85 15.72 36.59 25.86
CA LEU B 85 14.48 36.78 26.61
C LEU B 85 13.39 37.36 25.73
N GLY B 86 12.14 37.01 26.04
CA GLY B 86 11.00 37.59 25.34
C GLY B 86 10.58 38.96 25.82
N VAL B 87 11.00 39.35 27.03
CA VAL B 87 10.67 40.66 27.57
C VAL B 87 11.54 41.77 27.00
N ALA B 88 12.49 41.45 26.14
CA ALA B 88 13.35 42.47 25.53
C ALA B 88 12.58 43.23 24.44
N ASP B 89 13.16 44.36 24.03
CA ASP B 89 12.53 45.16 22.99
C ASP B 89 12.51 44.41 21.67
N ASP B 90 11.48 44.68 20.86
CA ASP B 90 11.38 44.06 19.55
C ASP B 90 12.56 44.45 18.65
N LYS B 91 13.11 45.66 18.85
CA LYS B 91 14.24 46.08 18.04
C LYS B 91 15.45 45.15 18.25
N THR B 92 15.71 44.77 19.49
CA THR B 92 16.84 43.88 19.76
C THR B 92 16.56 42.46 19.29
N ILE B 93 15.28 42.07 19.20
CA ILE B 93 14.95 40.72 18.73
C ILE B 93 15.25 40.59 17.24
N LYS B 94 14.81 41.57 16.44
CA LYS B 94 15.13 41.50 15.01
C LYS B 94 16.60 41.77 14.75
N ASP B 95 17.25 42.57 15.60
CA ASP B 95 18.68 42.77 15.47
C ASP B 95 19.44 41.48 15.77
N ALA B 96 18.99 40.72 16.77
CA ALA B 96 19.57 39.39 16.98
C ALA B 96 19.15 38.42 15.89
N LEU B 97 17.94 38.59 15.33
CA LEU B 97 17.51 37.72 14.26
C LEU B 97 18.27 38.00 12.97
N ALA B 98 18.48 39.29 12.65
CA ALA B 98 19.25 39.63 11.46
C ALA B 98 20.71 39.21 11.62
N VAL B 99 21.27 39.36 12.82
CA VAL B 99 22.62 38.86 13.08
C VAL B 99 22.65 37.34 12.94
N ALA B 100 21.62 36.67 13.45
CA ALA B 100 21.57 35.21 13.31
C ALA B 100 21.43 34.81 11.85
N ARG B 101 20.70 35.59 11.05
CA ARG B 101 20.50 35.24 9.65
C ARG B 101 21.81 35.33 8.88
N LYS B 102 22.71 36.21 9.30
CA LYS B 102 24.01 36.35 8.64
C LYS B 102 24.89 35.12 8.84
N TYR B 103 24.61 34.29 9.84
CA TYR B 103 25.44 33.13 10.13
C TYR B 103 24.70 31.81 9.95
N GLY B 104 23.42 31.84 9.58
CA GLY B 104 22.64 30.62 9.53
C GLY B 104 22.48 30.00 10.90
N VAL B 105 22.17 30.81 11.91
CA VAL B 105 22.08 30.38 13.30
C VAL B 105 20.64 30.57 13.77
N LYS B 106 20.15 29.62 14.57
CA LYS B 106 18.80 29.69 15.09
C LYS B 106 18.75 30.56 16.36
N ILE B 107 17.56 31.05 16.69
CA ILE B 107 17.36 31.92 17.83
C ILE B 107 16.22 31.37 18.69
N MET B 108 16.50 31.17 19.98
CA MET B 108 15.50 30.73 20.94
C MET B 108 15.14 31.90 21.85
N VAL B 109 13.86 32.03 22.17
CA VAL B 109 13.39 33.14 23.00
C VAL B 109 12.52 32.59 24.12
N ASP B 110 12.88 32.94 25.35
CA ASP B 110 12.17 32.50 26.54
C ASP B 110 11.04 33.47 26.87
N LEU B 111 10.00 32.96 27.50
CA LEU B 111 8.84 33.76 27.89
C LEU B 111 8.69 33.79 29.40
N ILE B 112 9.81 33.83 30.11
CA ILE B 112 9.79 33.65 31.57
C ILE B 112 9.09 34.82 32.26
N GLY B 113 9.16 36.02 31.71
CA GLY B 113 8.55 37.15 32.39
C GLY B 113 7.43 37.82 31.60
N VAL B 114 6.87 37.11 30.63
CA VAL B 114 5.88 37.68 29.73
C VAL B 114 4.51 37.68 30.41
N LYS B 115 3.81 38.81 30.30
CA LYS B 115 2.45 38.95 30.83
C LYS B 115 1.50 37.95 30.19
N ASP B 116 1.20 38.16 28.90
CA ASP B 116 0.35 37.25 28.12
C ASP B 116 1.27 36.36 27.30
N LYS B 117 1.52 35.15 27.80
CA LYS B 117 2.44 34.24 27.11
C LYS B 117 1.91 33.83 25.74
N VAL B 118 0.59 33.69 25.60
CA VAL B 118 0.02 33.24 24.33
C VAL B 118 0.28 34.27 23.24
N GLN B 119 -0.12 35.53 23.47
CA GLN B 119 0.05 36.57 22.47
C GLN B 119 1.51 36.76 22.09
N ARG B 120 2.41 36.86 23.08
CA ARG B 120 3.80 37.16 22.80
C ARG B 120 4.45 36.10 21.92
N ALA B 121 4.06 34.83 22.09
CA ALA B 121 4.65 33.78 21.27
C ALA B 121 4.27 33.95 19.80
N LYS B 122 3.03 34.33 19.53
CA LYS B 122 2.56 34.43 18.15
C LYS B 122 3.26 35.56 17.40
N GLU B 123 3.38 36.73 18.02
CA GLU B 123 4.08 37.83 17.36
C GLU B 123 5.56 37.54 17.22
N LEU B 124 6.13 36.73 18.12
CA LEU B 124 7.50 36.26 17.94
C LEU B 124 7.61 35.38 16.70
N GLU B 125 6.59 34.56 16.46
CA GLU B 125 6.57 33.73 15.26
C GLU B 125 6.50 34.57 14.00
N GLN B 126 5.92 35.77 14.09
CA GLN B 126 5.79 36.63 12.92
C GLN B 126 7.14 37.19 12.49
N MET B 127 7.98 37.57 13.45
CA MET B 127 9.29 38.14 13.12
C MET B 127 10.29 37.10 12.62
N GLY B 128 10.00 35.82 12.78
CA GLY B 128 10.90 34.78 12.32
C GLY B 128 11.70 34.11 13.41
N VAL B 129 11.29 34.26 14.68
CA VAL B 129 11.93 33.54 15.76
C VAL B 129 11.79 32.05 15.54
N HIS B 130 12.88 31.31 15.75
CA HIS B 130 12.90 29.91 15.39
C HIS B 130 12.26 29.02 16.45
N TYR B 131 12.57 29.25 17.72
CA TYR B 131 12.04 28.42 18.80
C TYR B 131 11.52 29.28 19.94
N ILE B 132 10.53 28.76 20.66
CA ILE B 132 9.95 29.39 21.83
C ILE B 132 10.23 28.50 23.04
N LEU B 133 10.80 29.10 24.09
CA LEU B 133 11.11 28.41 25.33
C LEU B 133 10.12 28.83 26.40
N VAL B 134 9.46 27.85 27.02
CA VAL B 134 8.55 28.09 28.13
C VAL B 134 9.00 27.20 29.29
N HIS B 135 8.52 27.54 30.48
CA HIS B 135 8.88 26.81 31.69
C HIS B 135 7.70 26.03 32.23
N THR B 136 8.02 24.90 32.88
CA THR B 136 6.97 23.99 33.34
C THR B 136 6.22 24.57 34.53
N GLY B 137 6.92 25.24 35.43
CA GLY B 137 6.30 25.73 36.64
C GLY B 137 6.33 24.76 37.80
N ILE B 138 7.05 23.65 37.67
CA ILE B 138 7.18 22.70 38.77
C ILE B 138 7.99 23.31 39.90
N THR B 146 -0.20 26.64 38.37
CA THR B 146 -0.76 25.56 37.56
C THR B 146 0.30 25.06 36.58
N PRO B 147 1.10 24.08 36.98
CA PRO B 147 2.19 23.61 36.11
C PRO B 147 1.67 23.06 34.78
N LEU B 148 2.48 23.23 33.74
CA LEU B 148 2.25 22.80 32.37
C LEU B 148 1.08 23.53 31.69
N GLU B 149 0.44 24.48 32.36
CA GLU B 149 -0.63 25.24 31.69
C GLU B 149 -0.07 26.08 30.56
N ASP B 150 1.07 26.75 30.77
CA ASP B 150 1.69 27.53 29.71
C ASP B 150 2.07 26.64 28.54
N LEU B 151 2.65 25.47 28.81
CA LEU B 151 3.05 24.57 27.73
C LEU B 151 1.86 24.18 26.86
N GLU B 152 0.67 24.09 27.46
CA GLU B 152 -0.53 23.81 26.69
C GLU B 152 -0.80 24.89 25.66
N LYS B 153 -0.87 26.15 26.11
CA LYS B 153 -1.36 27.22 25.24
C LYS B 153 -0.31 27.63 24.21
N VAL B 154 0.96 27.69 24.60
CA VAL B 154 1.99 28.07 23.64
C VAL B 154 2.09 27.05 22.52
N VAL B 155 1.95 25.77 22.84
CA VAL B 155 1.99 24.73 21.81
C VAL B 155 0.81 24.90 20.86
N LYS B 156 -0.39 25.14 21.40
CA LYS B 156 -1.58 25.30 20.59
C LYS B 156 -1.63 26.65 19.87
N ALA B 157 -0.64 27.52 20.04
CA ALA B 157 -0.67 28.85 19.46
C ALA B 157 0.29 29.07 18.30
N VAL B 158 1.41 28.35 18.26
CA VAL B 158 2.43 28.56 17.25
C VAL B 158 2.69 27.24 16.51
N LYS B 159 3.37 27.35 15.38
CA LYS B 159 3.74 26.20 14.57
C LYS B 159 5.20 25.81 14.73
N ILE B 160 6.06 26.74 15.15
CA ILE B 160 7.48 26.50 15.32
C ILE B 160 7.70 25.61 16.54
N PRO B 161 8.85 24.95 16.68
CA PRO B 161 9.08 24.09 17.84
C PRO B 161 9.08 24.88 19.15
N VAL B 162 8.57 24.25 20.20
CA VAL B 162 8.49 24.85 21.52
C VAL B 162 9.42 24.09 22.46
N ALA B 163 10.33 24.82 23.10
CA ALA B 163 11.25 24.23 24.06
C ALA B 163 10.68 24.37 25.47
N VAL B 164 10.91 23.35 26.30
CA VAL B 164 10.40 23.34 27.66
C VAL B 164 11.54 23.08 28.63
N ALA B 165 11.39 23.61 29.84
CA ALA B 165 12.42 23.46 30.89
C ALA B 165 11.76 23.62 32.25
N GLY B 166 12.28 22.95 33.29
CA GLY B 166 11.75 23.14 34.65
C GLY B 166 11.44 21.84 35.36
N GLY B 167 12.38 21.33 36.14
CA GLY B 167 12.13 20.11 36.93
C GLY B 167 11.87 18.91 36.06
N LEU B 168 12.65 18.74 34.99
CA LEU B 168 12.40 17.63 34.04
C LEU B 168 13.29 16.43 34.39
N ASN B 169 12.68 15.35 34.86
CA ASN B 169 13.40 14.12 35.14
C ASN B 169 12.67 12.97 34.45
N LEU B 170 13.00 11.71 34.78
CA LEU B 170 12.37 10.60 34.08
C LEU B 170 10.87 10.48 34.36
N GLU B 171 10.34 11.12 35.41
CA GLU B 171 8.92 11.00 35.67
C GLU B 171 8.11 12.11 35.01
N THR B 172 8.66 13.32 34.92
CA THR B 172 7.92 14.45 34.41
C THR B 172 8.14 14.70 32.93
N ILE B 173 9.17 14.10 32.34
CA ILE B 173 9.40 14.26 30.90
C ILE B 173 8.27 13.68 30.07
N PRO B 174 7.72 12.48 30.38
CA PRO B 174 6.63 11.96 29.53
C PRO B 174 5.45 12.90 29.39
N LYS B 175 5.17 13.73 30.40
CA LYS B 175 4.01 14.60 30.32
C LYS B 175 4.25 15.75 29.34
N VAL B 176 5.42 16.39 29.40
CA VAL B 176 5.68 17.51 28.49
C VAL B 176 5.73 17.02 27.05
N ILE B 177 6.09 15.75 26.83
CA ILE B 177 6.05 15.21 25.48
C ILE B 177 4.61 15.05 25.02
N GLU B 178 3.73 14.61 25.91
CA GLU B 178 2.32 14.44 25.57
C GLU B 178 1.67 15.76 25.20
N LEU B 179 2.18 16.87 25.72
CA LEU B 179 1.61 18.18 25.46
C LEU B 179 2.19 18.86 24.22
N GLY B 180 3.10 18.19 23.51
CA GLY B 180 3.60 18.70 22.25
C GLY B 180 4.90 19.48 22.30
N ALA B 181 5.69 19.36 23.37
CA ALA B 181 6.98 20.01 23.42
C ALA B 181 7.97 19.29 22.50
N THR B 182 8.75 20.06 21.75
CA THR B 182 9.72 19.52 20.80
C THR B 182 11.11 19.42 21.39
N ILE B 183 11.55 20.46 22.10
CA ILE B 183 12.87 20.51 22.70
C ILE B 183 12.71 20.34 24.20
N VAL B 184 13.34 19.31 24.75
CA VAL B 184 13.30 19.01 26.17
C VAL B 184 14.65 19.37 26.76
N ILE B 185 14.65 20.33 27.68
CA ILE B 185 15.86 20.84 28.31
C ILE B 185 15.97 20.21 29.69
N VAL B 186 17.01 19.41 29.91
CA VAL B 186 17.22 18.70 31.16
C VAL B 186 18.56 19.14 31.74
N GLY B 187 18.58 19.44 33.04
CA GLY B 187 19.81 19.85 33.68
C GLY B 187 20.29 18.87 34.73
N SER B 188 19.97 19.13 36.00
CA SER B 188 20.53 18.34 37.09
C SER B 188 20.15 16.86 37.03
N ALA B 189 19.06 16.52 36.34
CA ALA B 189 18.70 15.11 36.22
C ALA B 189 19.79 14.32 35.48
N ILE B 190 20.53 14.98 34.58
CA ILE B 190 21.69 14.37 33.93
C ILE B 190 22.99 14.83 34.58
N THR B 191 23.17 16.13 34.74
CA THR B 191 24.47 16.65 35.15
C THR B 191 24.80 16.27 36.58
N LYS B 192 23.81 16.10 37.45
CA LYS B 192 24.11 15.80 38.84
C LYS B 192 23.73 14.37 39.22
N SER B 193 24.03 13.42 38.35
CA SER B 193 23.65 12.04 38.59
C SER B 193 24.89 11.14 38.59
N LYS B 194 24.74 9.96 39.17
CA LYS B 194 25.85 9.01 39.23
C LYS B 194 26.23 8.46 37.86
N ASP B 195 25.27 8.36 36.94
CA ASP B 195 25.52 7.89 35.58
C ASP B 195 24.82 8.81 34.59
N PRO B 196 25.43 9.96 34.26
CA PRO B 196 24.78 10.88 33.31
C PRO B 196 24.58 10.30 31.92
N GLU B 197 25.43 9.37 31.49
CA GLU B 197 25.22 8.74 30.20
C GLU B 197 24.02 7.78 30.22
N GLY B 198 23.85 7.03 31.31
CA GLY B 198 22.72 6.13 31.41
C GLY B 198 21.39 6.87 31.45
N VAL B 199 21.34 7.98 32.18
CA VAL B 199 20.12 8.79 32.23
C VAL B 199 19.78 9.38 30.86
N THR B 200 20.81 9.77 30.10
CA THR B 200 20.57 10.30 28.77
C THR B 200 19.94 9.24 27.87
N ARG B 201 20.43 8.00 27.96
CA ARG B 201 19.85 6.91 27.15
C ARG B 201 18.42 6.63 27.57
N LYS B 202 18.12 6.75 28.87
CA LYS B 202 16.77 6.51 29.33
C LYS B 202 15.83 7.61 28.86
N ILE B 203 16.32 8.85 28.74
CA ILE B 203 15.48 9.93 28.22
C ILE B 203 15.22 9.70 26.73
N ILE B 204 16.22 9.24 25.99
CA ILE B 204 16.00 8.91 24.58
C ILE B 204 15.03 7.74 24.45
N ASP B 205 15.07 6.79 25.39
CA ASP B 205 14.08 5.72 25.42
C ASP B 205 12.67 6.27 25.59
N LEU B 206 12.53 7.34 26.38
CA LEU B 206 11.22 7.97 26.50
C LEU B 206 10.79 8.57 25.18
N PHE B 207 11.72 9.14 24.41
CA PHE B 207 11.38 9.70 23.11
C PHE B 207 10.85 8.63 22.18
N TRP B 208 11.45 7.44 22.21
CA TRP B 208 11.03 6.36 21.34
C TRP B 208 9.73 5.72 21.77
N ASP B 209 9.30 5.91 23.02
CA ASP B 209 7.95 5.48 23.38
C ASP B 209 6.92 6.29 22.61
N GLU B 210 7.17 7.59 22.41
CA GLU B 210 6.29 8.43 21.61
C GLU B 210 6.43 8.13 20.13
N TYR B 211 7.65 7.81 19.67
CA TYR B 211 7.86 7.50 18.26
C TYR B 211 7.06 6.26 17.85
N MET B 212 7.05 5.23 18.71
CA MET B 212 6.29 4.03 18.41
C MET B 212 4.81 4.34 18.31
N LYS B 213 4.32 5.28 19.13
CA LYS B 213 2.92 5.67 19.00
C LYS B 213 2.67 6.41 17.70
N THR B 214 3.65 7.21 17.25
CA THR B 214 3.47 7.99 16.04
C THR B 214 3.38 7.09 14.80
N ILE B 215 4.27 6.10 14.69
CA ILE B 215 4.28 5.28 13.50
C ILE B 215 3.05 4.38 13.45
N ARG B 216 2.65 3.82 14.59
CA ARG B 216 1.42 3.01 14.60
C ARG B 216 0.21 3.86 14.27
N LYS B 217 0.14 5.09 14.81
CA LYS B 217 -0.98 5.96 14.49
C LYS B 217 -0.94 6.37 13.02
N ALA B 218 0.26 6.55 12.47
CA ALA B 218 0.38 6.92 11.06
C ALA B 218 -0.15 5.81 10.16
N MET B 219 0.17 4.56 10.49
CA MET B 219 -0.27 3.44 9.68
C MET B 219 -1.79 3.27 9.72
N LYS B 220 -2.36 3.35 10.91
CA LYS B 220 -3.80 3.11 11.04
C LYS B 220 -4.60 4.28 10.47
N ASP B 221 -4.00 5.47 10.42
CA ASP B 221 -4.66 6.58 9.76
C ASP B 221 -4.81 6.32 8.26
N ILE B 222 -3.81 5.66 7.67
CA ILE B 222 -3.90 5.31 6.25
C ILE B 222 -4.92 4.20 6.03
N THR B 223 -4.87 3.14 6.86
CA THR B 223 -5.78 2.02 6.67
C THR B 223 -7.24 2.40 6.98
N ASP B 224 -7.46 3.35 7.89
CA ASP B 224 -8.82 3.81 8.14
C ASP B 224 -9.39 4.54 6.93
N HIS B 225 -8.58 5.34 6.26
CA HIS B 225 -9.04 6.04 5.07
C HIS B 225 -9.33 5.06 3.95
N ILE B 226 -8.54 3.99 3.83
CA ILE B 226 -8.75 3.02 2.77
C ILE B 226 -10.01 2.20 3.03
N ASN B 227 -10.33 1.92 4.29
CA ASN B 227 -11.60 1.27 4.61
C ASN B 227 -12.77 2.14 4.18
N GLU B 228 -12.65 3.47 4.35
CA GLU B 228 -13.68 4.37 3.88
C GLU B 228 -13.78 4.35 2.36
N VAL B 229 -12.65 4.30 1.66
CA VAL B 229 -12.67 4.23 0.20
C VAL B 229 -13.39 2.97 -0.24
N ALA B 230 -13.11 1.84 0.41
CA ALA B 230 -13.77 0.58 0.05
C ALA B 230 -15.27 0.65 0.25
N ASP B 231 -15.72 1.22 1.37
CA ASP B 231 -17.15 1.27 1.66
C ASP B 231 -17.90 2.18 0.68
N LYS B 232 -17.22 3.15 0.08
CA LYS B 232 -17.89 4.13 -0.76
C LYS B 232 -17.63 3.91 -2.25
N LEU B 233 -16.97 2.82 -2.62
CA LEU B 233 -16.78 2.50 -4.02
C LEU B 233 -18.13 2.33 -4.72
N ARG B 234 -18.21 2.74 -5.98
CA ARG B 234 -19.44 2.73 -6.74
C ARG B 234 -19.40 1.62 -7.79
N LEU B 235 -20.54 0.95 -7.99
CA LEU B 235 -20.59 -0.13 -8.97
C LEU B 235 -20.34 0.38 -10.38
N ASP B 236 -20.87 1.57 -10.72
CA ASP B 236 -20.66 2.13 -12.04
C ASP B 236 -19.18 2.31 -12.35
N GLU B 237 -18.41 2.80 -11.38
CA GLU B 237 -16.99 3.01 -11.60
C GLU B 237 -16.25 1.69 -11.73
N VAL B 238 -16.44 0.80 -10.75
CA VAL B 238 -15.68 -0.45 -10.72
C VAL B 238 -15.98 -1.29 -11.96
N ARG B 239 -17.27 -1.46 -12.28
CA ARG B 239 -17.63 -2.25 -13.46
C ARG B 239 -17.17 -1.55 -14.74
N GLY B 240 -17.20 -0.22 -14.76
CA GLY B 240 -16.70 0.49 -15.93
C GLY B 240 -15.23 0.21 -16.20
N LEU B 241 -14.43 0.10 -15.13
CA LEU B 241 -13.01 -0.21 -15.28
C LEU B 241 -12.82 -1.65 -15.72
N VAL B 242 -13.52 -2.58 -15.08
CA VAL B 242 -13.34 -3.99 -15.38
C VAL B 242 -13.80 -4.30 -16.82
N ASP B 243 -14.97 -3.80 -17.19
CA ASP B 243 -15.48 -4.07 -18.54
C ASP B 243 -14.58 -3.45 -19.60
N ALA B 244 -14.00 -2.28 -19.34
CA ALA B 244 -13.07 -1.70 -20.30
C ALA B 244 -11.80 -2.53 -20.39
N MET B 245 -11.35 -3.09 -19.27
CA MET B 245 -10.14 -3.91 -19.27
C MET B 245 -10.36 -5.20 -20.05
N ILE B 246 -11.52 -5.82 -19.88
CA ILE B 246 -11.77 -7.11 -20.54
C ILE B 246 -11.98 -6.90 -22.04
N GLY B 247 -12.63 -5.81 -22.43
CA GLY B 247 -12.89 -5.53 -23.82
C GLY B 247 -11.81 -4.83 -24.59
N ALA B 248 -10.64 -4.62 -24.01
CA ALA B 248 -9.59 -3.89 -24.69
C ALA B 248 -8.65 -4.84 -25.42
N ASN B 249 -8.05 -4.35 -26.50
CA ASN B 249 -6.97 -5.07 -27.16
C ASN B 249 -5.72 -4.99 -26.30
N LYS B 250 -5.05 -3.85 -26.31
CA LYS B 250 -3.91 -3.62 -25.43
C LYS B 250 -4.32 -2.70 -24.28
N ILE B 251 -3.69 -2.90 -23.12
CA ILE B 251 -3.93 -2.07 -21.96
C ILE B 251 -2.64 -1.32 -21.66
N PHE B 252 -2.74 0.01 -21.64
CA PHE B 252 -1.63 0.88 -21.29
C PHE B 252 -1.94 1.49 -19.93
N ILE B 253 -0.94 1.48 -19.04
CA ILE B 253 -1.06 2.03 -17.70
C ILE B 253 -0.04 3.15 -17.56
N TYR B 254 -0.48 4.29 -17.04
CA TYR B 254 0.37 5.48 -16.97
C TYR B 254 0.02 6.28 -15.72
N GLY B 255 0.99 6.37 -14.80
CA GLY B 255 0.82 7.18 -13.62
C GLY B 255 1.98 8.15 -13.49
N ALA B 256 1.75 9.20 -12.70
CA ALA B 256 2.71 10.28 -12.52
C ALA B 256 3.45 10.11 -11.19
N GLY B 257 4.77 10.05 -11.26
CA GLY B 257 5.55 10.00 -10.03
C GLY B 257 5.25 8.74 -9.25
N ARG B 258 4.93 8.92 -7.97
CA ARG B 258 4.66 7.78 -7.11
C ARG B 258 3.42 7.01 -7.57
N SER B 259 2.45 7.72 -8.17
CA SER B 259 1.31 7.05 -8.78
C SER B 259 1.74 6.10 -9.88
N GLY B 260 2.82 6.46 -10.60
CA GLY B 260 3.33 5.58 -11.63
C GLY B 260 3.87 4.27 -11.09
N LEU B 261 4.47 4.30 -9.90
CA LEU B 261 4.94 3.06 -9.29
C LEU B 261 3.77 2.16 -8.91
N VAL B 262 2.67 2.76 -8.43
CA VAL B 262 1.44 2.02 -8.17
C VAL B 262 0.90 1.42 -9.46
N GLY B 263 0.91 2.19 -10.54
CA GLY B 263 0.44 1.65 -11.81
C GLY B 263 1.25 0.47 -12.30
N LYS B 264 2.58 0.54 -12.11
CA LYS B 264 3.44 -0.58 -12.50
C LYS B 264 3.15 -1.80 -11.66
N ALA B 265 2.88 -1.62 -10.36
CA ALA B 265 2.56 -2.76 -9.50
C ALA B 265 1.29 -3.45 -9.96
N PHE B 266 0.32 -2.69 -10.43
CA PHE B 266 -0.89 -3.27 -10.98
C PHE B 266 -0.61 -3.97 -12.31
N ALA B 267 0.23 -3.35 -13.15
CA ALA B 267 0.56 -3.95 -14.43
C ALA B 267 1.26 -5.30 -14.28
N MET B 268 2.16 -5.43 -13.29
CA MET B 268 2.84 -6.70 -13.10
C MET B 268 1.86 -7.82 -12.83
N ARG B 269 0.82 -7.55 -12.04
CA ARG B 269 -0.17 -8.57 -11.73
C ARG B 269 -1.04 -8.89 -12.94
N LEU B 270 -1.43 -7.85 -13.70
CA LEU B 270 -2.25 -8.07 -14.88
C LEU B 270 -1.53 -8.92 -15.92
N MET B 271 -0.22 -8.77 -16.03
CA MET B 271 0.54 -9.60 -16.97
C MET B 271 0.43 -11.07 -16.62
N HIS B 272 0.44 -11.40 -15.33
CA HIS B 272 0.26 -12.78 -14.89
C HIS B 272 -1.13 -13.31 -15.23
N LEU B 273 -2.11 -12.43 -15.39
CA LEU B 273 -3.46 -12.83 -15.78
C LEU B 273 -3.64 -12.85 -17.30
N ASP B 274 -2.55 -12.89 -18.05
CA ASP B 274 -2.58 -13.02 -19.51
C ASP B 274 -3.27 -11.84 -20.19
N PHE B 275 -3.17 -10.64 -19.61
CA PHE B 275 -3.59 -9.43 -20.30
C PHE B 275 -2.47 -8.92 -21.19
N ASN B 276 -2.86 -8.29 -22.31
CA ASN B 276 -1.91 -7.60 -23.18
C ASN B 276 -1.69 -6.20 -22.63
N VAL B 277 -0.83 -6.11 -21.62
CA VAL B 277 -0.69 -4.90 -20.80
C VAL B 277 0.72 -4.33 -20.95
N TYR B 278 0.80 -3.01 -20.99
CA TYR B 278 2.08 -2.31 -21.12
C TYR B 278 2.07 -1.10 -20.21
N VAL B 279 3.27 -0.65 -19.85
CA VAL B 279 3.47 0.52 -19.00
C VAL B 279 4.03 1.64 -19.86
N VAL B 280 3.35 2.77 -19.87
CA VAL B 280 3.80 3.92 -20.64
C VAL B 280 5.11 4.43 -20.03
N GLY B 281 6.09 4.72 -20.89
CA GLY B 281 7.35 5.25 -20.44
C GLY B 281 8.48 4.24 -20.36
N GLU B 282 8.18 2.97 -20.51
CA GLU B 282 9.21 1.94 -20.49
C GLU B 282 9.61 1.55 -21.91
N THR B 283 10.64 0.72 -22.00
CA THR B 283 11.31 0.50 -23.27
C THR B 283 10.40 -0.19 -24.28
N ILE B 284 9.59 -1.15 -23.82
CA ILE B 284 8.90 -2.06 -24.72
C ILE B 284 7.49 -1.59 -25.10
N THR B 285 7.05 -0.46 -24.55
CA THR B 285 5.71 0.08 -24.83
C THR B 285 5.48 0.30 -26.33
N PRO B 286 4.52 -0.39 -26.94
CA PRO B 286 4.25 -0.17 -28.37
C PRO B 286 3.25 0.97 -28.62
N ALA B 287 2.89 1.17 -29.89
CA ALA B 287 2.05 2.28 -30.28
C ALA B 287 0.59 2.04 -29.93
N PHE B 288 -0.08 3.09 -29.47
CA PHE B 288 -1.49 3.03 -29.10
C PHE B 288 -2.36 3.01 -30.35
N GLU B 289 -3.20 1.98 -30.46
CA GLU B 289 -4.02 1.76 -31.64
C GLU B 289 -5.50 1.78 -31.27
N GLU B 290 -6.35 1.63 -32.28
CA GLU B 290 -7.79 1.56 -32.04
C GLU B 290 -8.14 0.33 -31.23
N GLY B 291 -9.03 0.51 -30.25
CA GLY B 291 -9.41 -0.58 -29.38
C GLY B 291 -8.52 -0.78 -28.17
N ASP B 292 -7.46 0.01 -28.04
CA ASP B 292 -6.61 -0.06 -26.85
C ASP B 292 -7.19 0.79 -25.73
N LEU B 293 -6.77 0.49 -24.50
CA LEU B 293 -7.25 1.17 -23.31
C LEU B 293 -6.07 1.83 -22.61
N LEU B 294 -6.27 3.08 -22.19
CA LEU B 294 -5.31 3.79 -21.36
C LEU B 294 -5.90 3.96 -19.96
N ILE B 295 -5.25 3.38 -18.97
CA ILE B 295 -5.59 3.60 -17.57
C ILE B 295 -4.67 4.71 -17.06
N ALA B 296 -5.25 5.89 -16.86
CA ALA B 296 -4.51 7.08 -16.44
C ALA B 296 -4.73 7.32 -14.95
N ILE B 297 -3.64 7.36 -14.18
CA ILE B 297 -3.69 7.53 -12.73
C ILE B 297 -3.08 8.87 -12.37
N SER B 298 -3.88 9.74 -11.77
CA SER B 298 -3.42 11.08 -11.37
C SER B 298 -4.35 11.60 -10.30
N GLY B 299 -3.82 11.85 -9.10
CA GLY B 299 -4.66 12.32 -8.00
C GLY B 299 -5.36 13.63 -8.30
N SER B 300 -4.61 14.59 -8.82
CA SER B 300 -5.22 15.88 -9.11
C SER B 300 -6.01 15.87 -10.41
N GLY B 301 -5.70 14.96 -11.32
CA GLY B 301 -6.31 14.99 -12.64
C GLY B 301 -5.84 16.12 -13.51
N GLU B 302 -4.69 16.73 -13.20
CA GLU B 302 -4.18 17.85 -13.95
C GLU B 302 -2.74 17.67 -14.42
N THR B 303 -2.11 16.54 -14.12
CA THR B 303 -0.73 16.30 -14.52
C THR B 303 -0.60 16.39 -16.04
N LYS B 304 0.30 17.25 -16.49
CA LYS B 304 0.34 17.61 -17.91
C LYS B 304 0.64 16.39 -18.79
N THR B 305 1.63 15.58 -18.40
CA THR B 305 1.99 14.43 -19.22
C THR B 305 0.87 13.41 -19.25
N ILE B 306 0.18 13.21 -18.13
CA ILE B 306 -0.93 12.26 -18.09
C ILE B 306 -2.09 12.77 -18.94
N VAL B 307 -2.37 14.08 -18.88
CA VAL B 307 -3.45 14.64 -19.68
C VAL B 307 -3.11 14.54 -21.17
N ASP B 308 -1.85 14.79 -21.52
CA ASP B 308 -1.45 14.71 -22.92
C ASP B 308 -1.56 13.29 -23.45
N ALA B 309 -1.28 12.29 -22.63
CA ALA B 309 -1.41 10.90 -23.07
C ALA B 309 -2.88 10.53 -23.27
N ALA B 310 -3.76 11.03 -22.41
CA ALA B 310 -5.18 10.73 -22.55
C ALA B 310 -5.73 11.34 -23.84
N GLU B 311 -5.24 12.52 -24.23
CA GLU B 311 -5.70 13.15 -25.46
C GLU B 311 -5.26 12.36 -26.69
N ILE B 312 -4.05 11.83 -26.69
CA ILE B 312 -3.60 11.01 -27.81
C ILE B 312 -4.41 9.74 -27.90
N ALA B 313 -4.70 9.13 -26.74
CA ALA B 313 -5.46 7.89 -26.74
C ALA B 313 -6.86 8.10 -27.32
N LYS B 314 -7.48 9.25 -27.03
CA LYS B 314 -8.80 9.51 -27.60
C LYS B 314 -8.72 9.77 -29.10
N GLN B 315 -7.71 10.52 -29.55
CA GLN B 315 -7.57 10.77 -30.99
C GLN B 315 -7.31 9.48 -31.76
N GLN B 316 -6.67 8.49 -31.14
CA GLN B 316 -6.42 7.21 -31.81
C GLN B 316 -7.62 6.28 -31.77
N GLY B 317 -8.76 6.71 -31.25
CA GLY B 317 -9.90 5.83 -31.16
C GLY B 317 -9.81 4.80 -30.06
N GLY B 318 -9.26 5.18 -28.91
CA GLY B 318 -9.15 4.30 -27.78
C GLY B 318 -9.98 4.81 -26.60
N LYS B 319 -10.07 3.97 -25.58
CA LYS B 319 -10.80 4.30 -24.36
C LYS B 319 -9.82 4.78 -23.29
N VAL B 320 -10.32 5.61 -22.39
CA VAL B 320 -9.51 6.15 -21.30
C VAL B 320 -10.28 5.97 -20.00
N VAL B 321 -9.64 5.33 -19.02
CA VAL B 321 -10.15 5.22 -17.66
C VAL B 321 -9.24 6.05 -16.78
N ALA B 322 -9.81 7.02 -16.08
CA ALA B 322 -9.04 7.90 -15.21
C ALA B 322 -9.30 7.50 -13.76
N ILE B 323 -8.24 7.17 -13.05
CA ILE B 323 -8.30 7.01 -11.61
C ILE B 323 -7.76 8.29 -11.01
N THR B 324 -8.64 9.05 -10.34
CA THR B 324 -8.31 10.37 -9.85
C THR B 324 -9.14 10.66 -8.61
N SER B 325 -8.71 11.69 -7.87
CA SER B 325 -9.50 12.22 -6.76
C SER B 325 -10.49 13.29 -7.20
N TYR B 326 -10.35 13.81 -8.41
CA TYR B 326 -11.19 14.90 -8.92
C TYR B 326 -11.84 14.47 -10.23
N LYS B 327 -13.11 14.08 -10.14
CA LYS B 327 -13.83 13.55 -11.30
C LYS B 327 -14.00 14.60 -12.38
N ASP B 328 -14.10 15.86 -12.00
CA ASP B 328 -14.32 16.94 -12.94
C ASP B 328 -13.03 17.62 -13.37
N SER B 329 -11.89 16.99 -13.13
CA SER B 329 -10.61 17.54 -13.53
C SER B 329 -10.46 17.47 -15.05
N THR B 330 -9.36 18.03 -15.56
CA THR B 330 -9.09 17.96 -17.00
C THR B 330 -8.99 16.52 -17.46
N LEU B 331 -8.32 15.67 -16.68
CA LEU B 331 -8.25 14.26 -17.03
C LEU B 331 -9.61 13.59 -16.91
N GLY B 332 -10.37 13.93 -15.87
CA GLY B 332 -11.67 13.31 -15.70
C GLY B 332 -12.61 13.59 -16.86
N ARG B 333 -12.60 14.83 -17.35
CA ARG B 333 -13.50 15.18 -18.44
C ARG B 333 -13.15 14.47 -19.73
N LEU B 334 -11.90 14.06 -19.91
CA LEU B 334 -11.51 13.31 -21.09
C LEU B 334 -11.91 11.83 -20.98
N ALA B 335 -12.00 11.31 -19.77
CA ALA B 335 -12.12 9.87 -19.60
C ALA B 335 -13.51 9.35 -19.95
N ASP B 336 -13.55 8.12 -20.43
CA ASP B 336 -14.82 7.42 -20.64
C ASP B 336 -15.36 6.84 -19.35
N VAL B 337 -14.47 6.47 -18.44
CA VAL B 337 -14.84 5.99 -17.11
C VAL B 337 -13.93 6.70 -16.11
N VAL B 338 -14.52 7.20 -15.03
CA VAL B 338 -13.76 7.84 -13.97
C VAL B 338 -13.97 7.03 -12.70
N VAL B 339 -12.87 6.52 -12.15
CA VAL B 339 -12.89 5.86 -10.85
C VAL B 339 -12.42 6.90 -9.84
N GLU B 340 -13.34 7.36 -9.00
CA GLU B 340 -13.05 8.40 -8.02
C GLU B 340 -12.51 7.78 -6.75
N ILE B 341 -11.25 8.06 -6.42
CA ILE B 341 -10.66 7.63 -5.16
C ILE B 341 -10.76 8.83 -4.20
N PRO B 342 -11.61 8.74 -3.18
CA PRO B 342 -11.85 9.91 -2.32
C PRO B 342 -10.60 10.38 -1.59
N GLY B 343 -10.72 11.59 -1.03
CA GLY B 343 -9.67 12.24 -0.27
C GLY B 343 -10.10 12.34 1.19
N ARG B 344 -9.41 13.21 1.95
CA ARG B 344 -9.71 13.44 3.36
C ARG B 344 -9.50 12.19 4.21
N THR B 365 -2.54 13.40 9.37
CA THR B 365 -1.23 12.77 9.46
C THR B 365 -0.61 12.55 8.07
N ALA B 366 -1.33 11.86 7.18
CA ALA B 366 -0.71 11.61 5.88
C ALA B 366 -1.13 12.66 4.86
N PRO B 367 -0.20 13.08 4.00
CA PRO B 367 -0.52 14.09 2.99
C PRO B 367 -1.58 13.61 2.01
N MET B 368 -2.07 14.55 1.20
CA MET B 368 -3.12 14.24 0.23
C MET B 368 -2.61 13.25 -0.81
N GLY B 369 -1.35 13.38 -1.22
CA GLY B 369 -0.79 12.45 -2.20
C GLY B 369 -0.64 11.04 -1.64
N THR B 370 -0.16 10.91 -0.40
CA THR B 370 0.06 9.59 0.18
C THR B 370 -1.24 8.80 0.30
N LEU B 371 -2.32 9.46 0.74
CA LEU B 371 -3.59 8.76 0.88
C LEU B 371 -4.13 8.26 -0.45
N PHE B 372 -3.99 9.08 -1.50
CA PHE B 372 -4.46 8.67 -2.82
C PHE B 372 -3.64 7.50 -3.35
N GLU B 373 -2.32 7.59 -3.25
CA GLU B 373 -1.46 6.53 -3.77
C GLU B 373 -1.68 5.22 -3.04
N ASP B 374 -1.77 5.26 -1.70
CA ASP B 374 -1.94 4.03 -0.93
C ASP B 374 -3.35 3.47 -1.10
N SER B 375 -4.36 4.33 -1.24
CA SER B 375 -5.72 3.83 -1.47
C SER B 375 -5.85 3.19 -2.84
N THR B 376 -5.30 3.83 -3.88
CA THR B 376 -5.34 3.26 -5.21
C THR B 376 -4.61 1.93 -5.24
N MET B 377 -3.46 1.85 -4.57
CA MET B 377 -2.68 0.62 -4.56
C MET B 377 -3.51 -0.53 -4.02
N ILE B 378 -4.20 -0.31 -2.91
CA ILE B 378 -4.95 -1.41 -2.33
C ILE B 378 -6.26 -1.64 -3.08
N PHE B 379 -6.82 -0.59 -3.69
CA PHE B 379 -7.99 -0.77 -4.56
C PHE B 379 -7.64 -1.65 -5.78
N LEU B 380 -6.51 -1.36 -6.43
CA LEU B 380 -6.14 -2.16 -7.60
C LEU B 380 -5.79 -3.59 -7.20
N ASP B 381 -5.38 -3.81 -5.95
CA ASP B 381 -5.19 -5.17 -5.50
C ASP B 381 -6.52 -5.87 -5.24
N GLY B 382 -7.55 -5.11 -4.85
CA GLY B 382 -8.88 -5.69 -4.81
C GLY B 382 -9.38 -6.07 -6.20
N ILE B 383 -9.09 -5.24 -7.19
CA ILE B 383 -9.47 -5.56 -8.57
C ILE B 383 -8.83 -6.88 -8.99
N ILE B 384 -7.54 -7.06 -8.71
CA ILE B 384 -6.86 -8.31 -9.08
C ILE B 384 -7.50 -9.50 -8.41
N ALA B 385 -7.84 -9.38 -7.12
CA ALA B 385 -8.51 -10.48 -6.42
C ALA B 385 -9.83 -10.83 -7.07
N LEU B 386 -10.55 -9.83 -7.57
CA LEU B 386 -11.80 -10.11 -8.27
C LEU B 386 -11.54 -10.86 -9.57
N LEU B 387 -10.55 -10.41 -10.34
CA LEU B 387 -10.27 -11.04 -11.63
C LEU B 387 -9.81 -12.48 -11.45
N MET B 388 -9.08 -12.78 -10.39
CA MET B 388 -8.68 -14.17 -10.13
C MET B 388 -9.83 -15.06 -9.64
N ALA B 389 -11.08 -14.60 -9.68
CA ALA B 389 -12.20 -15.42 -9.27
C ALA B 389 -13.25 -15.48 -10.37
MG MG C . -27.75 -28.96 -19.18
S SO4 D . -31.24 -26.40 -16.84
O1 SO4 D . -31.03 -25.01 -16.57
O2 SO4 D . -30.04 -26.99 -17.36
O3 SO4 D . -31.60 -27.06 -15.60
O4 SO4 D . -32.31 -26.55 -17.79
MG MG E . 17.37 26.81 30.26
S SO4 F . 16.13 22.83 33.65
O1 SO4 F . 15.51 23.98 34.25
O2 SO4 F . 17.12 23.26 32.70
O3 SO4 F . 16.78 22.04 34.67
O4 SO4 F . 15.14 22.03 32.99
#